data_4MW1
#
_entry.id   4MW1
#
_cell.length_a   88.021
_cell.length_b   105.754
_cell.length_c   206.381
_cell.angle_alpha   90.000
_cell.angle_beta   90.000
_cell.angle_gamma   90.000
#
_symmetry.space_group_name_H-M   'P 21 21 21'
#
loop_
_entity.id
_entity.type
_entity.pdbx_description
1 polymer 'Methionyl-tRNA synthetase'
2 non-polymer GLYCEROL
3 non-polymer 'DIMETHYL SULFOXIDE'
4 non-polymer METHIONINE
5 non-polymer 1-{3-[(3-chloro-5-methoxybenzyl)amino]propyl}-3-thiophen-3-ylurea
6 water water
#
_entity_poly.entity_id   1
_entity_poly.type   'polypeptide(L)'
_entity_poly.pdbx_seq_one_letter_code
;GPGSMKVEKVFFVTSPIYYVNAAPHIGHVYSTLITDVIGRYHRVKGERVFALTGTDEHGQKVAEAAKQKQVSPYDFTTAV
AGEFKKCFEQMDYSIDYFIRTTNEQHKAVVKELWTKLEQKGDIYLGRYEGWYSISDESFLTPQNITDGVDKDGNPCKVSL
ESGHVVTWVSEENYMFRLSAFRERLLEWYHANPGCIVPEFRRREVIRAVEKGLPDLSVSRARATLHNWAIPVPGNPDH
(CAS)VYVWLDALTNYLTGSRLRVDESGKEVSLVDDFNELERFPADVHVIGKDILKFHAIYWPAFLLSAGLPLPKKIVAH
GWWTKDRKKISKSLGNVFDPVEKAEEFGYDALKYFLLRESGFSDDGDYSDKNMIARLNGELADTLGNLVMRCTSAKINVN
GEWPSPAAYTEEDESLIQLIKDLPGTADHYYLIPDIQKAIIAVFDVLRAINAYVTDMAPWKLVKTDPERLRTVLYITLEG
VRVTTLLLSPILPRKSVVIFDMLGVPEVHRKGIENFEFGAVPPGTRLGPAVEGEVLFSKRSTENTKST
;
_entity_poly.pdbx_strand_id   A,B
#
# COMPACT_ATOMS: atom_id res chain seq x y z
N VAL A 7 -28.78 -10.94 -10.81
CA VAL A 7 -29.98 -10.70 -9.93
C VAL A 7 -29.85 -9.37 -9.18
N GLU A 8 -30.70 -8.40 -9.55
CA GLU A 8 -30.86 -7.19 -8.76
C GLU A 8 -31.97 -7.46 -7.75
N LYS A 9 -31.61 -7.36 -6.48
CA LYS A 9 -32.52 -7.59 -5.37
C LYS A 9 -32.17 -6.56 -4.29
N VAL A 10 -32.85 -6.63 -3.15
CA VAL A 10 -32.46 -5.83 -2.00
C VAL A 10 -31.30 -6.54 -1.35
N PHE A 11 -30.20 -5.83 -1.13
CA PHE A 11 -29.07 -6.40 -0.43
C PHE A 11 -29.51 -6.59 1.01
N PHE A 12 -29.45 -7.84 1.48
CA PHE A 12 -30.05 -8.21 2.75
C PHE A 12 -28.93 -8.60 3.68
N VAL A 13 -28.66 -7.77 4.68
CA VAL A 13 -27.64 -8.06 5.67
C VAL A 13 -28.27 -8.15 7.06
N THR A 14 -27.81 -9.11 7.87
CA THR A 14 -28.37 -9.36 9.21
C THR A 14 -27.32 -9.46 10.30
N SER A 15 -27.73 -9.14 11.51
CA SER A 15 -26.97 -9.48 12.70
C SER A 15 -27.64 -10.69 13.35
N PRO A 16 -26.98 -11.28 14.36
CA PRO A 16 -27.73 -12.26 15.14
C PRO A 16 -28.85 -11.56 15.89
N ILE A 17 -29.83 -12.33 16.35
CA ILE A 17 -30.80 -11.82 17.31
C ILE A 17 -30.34 -12.30 18.67
N TYR A 18 -30.26 -11.38 19.63
CA TYR A 18 -29.54 -11.61 20.88
C TYR A 18 -30.48 -12.11 21.97
N TYR A 19 -30.02 -13.06 22.78
CA TYR A 19 -30.80 -13.46 23.96
C TYR A 19 -30.99 -12.27 24.89
N VAL A 20 -32.16 -12.18 25.49
CA VAL A 20 -32.53 -11.07 26.36
C VAL A 20 -32.56 -11.46 27.85
N ASN A 21 -31.67 -12.38 28.23
CA ASN A 21 -31.44 -12.79 29.62
C ASN A 21 -30.75 -11.70 30.46
N ALA A 22 -30.07 -10.79 29.77
CA ALA A 22 -29.24 -9.77 30.39
C ALA A 22 -29.12 -8.55 29.47
N ALA A 23 -28.59 -7.47 30.04
CA ALA A 23 -28.52 -6.17 29.38
C ALA A 23 -27.58 -6.24 28.18
N PRO A 24 -27.80 -5.34 27.20
CA PRO A 24 -26.93 -5.31 26.04
C PRO A 24 -25.52 -4.91 26.44
N HIS A 25 -24.52 -5.50 25.78
CA HIS A 25 -23.12 -5.25 26.07
C HIS A 25 -22.27 -5.21 24.77
N ILE A 26 -20.95 -5.24 24.91
CA ILE A 26 -20.05 -4.93 23.79
C ILE A 26 -20.21 -5.87 22.59
N GLY A 27 -20.30 -7.17 22.83
CA GLY A 27 -20.44 -8.15 21.76
C GLY A 27 -21.63 -7.91 20.84
N HIS A 28 -22.74 -7.49 21.43
CA HIS A 28 -23.97 -7.23 20.68
C HIS A 28 -23.82 -5.96 19.86
N VAL A 29 -23.21 -4.96 20.48
CA VAL A 29 -22.97 -3.68 19.82
C VAL A 29 -22.01 -3.86 18.64
N TYR A 30 -20.99 -4.69 18.84
CA TYR A 30 -20.00 -5.00 17.84
C TYR A 30 -20.62 -5.71 16.64
N SER A 31 -21.41 -6.75 16.91
CA SER A 31 -22.03 -7.55 15.85
C SER A 31 -22.98 -6.72 15.00
N THR A 32 -23.76 -5.87 15.65
CA THR A 32 -24.75 -5.05 14.96
C THR A 32 -24.04 -3.89 14.22
N LEU A 33 -22.91 -3.44 14.76
CA LEU A 33 -22.09 -2.46 14.06
C LEU A 33 -21.60 -2.96 12.70
N ILE A 34 -21.07 -4.17 12.70
CA ILE A 34 -20.57 -4.80 11.48
C ILE A 34 -21.70 -4.94 10.47
N THR A 35 -22.85 -5.43 10.94
CA THR A 35 -24.06 -5.42 10.12
C THR A 35 -24.34 -4.03 9.56
N ASP A 36 -24.28 -3.02 10.41
CA ASP A 36 -24.65 -1.66 10.02
C ASP A 36 -23.69 -1.09 8.97
N VAL A 37 -22.40 -1.33 9.17
CA VAL A 37 -21.38 -0.84 8.26
C VAL A 37 -21.54 -1.45 6.85
N ILE A 38 -21.72 -2.76 6.81
CA ILE A 38 -21.96 -3.44 5.55
C ILE A 38 -23.18 -2.83 4.88
N GLY A 39 -24.29 -2.69 5.60
CA GLY A 39 -25.48 -2.04 5.04
C GLY A 39 -25.20 -0.65 4.51
N ARG A 40 -24.55 0.18 5.34
CA ARG A 40 -24.23 1.55 4.94
C ARG A 40 -23.38 1.58 3.68
N TYR A 41 -22.41 0.69 3.57
CA TYR A 41 -21.54 0.69 2.39
C TYR A 41 -22.36 0.45 1.10
N HIS A 42 -23.29 -0.50 1.15
CA HIS A 42 -24.09 -0.79 -0.04
C HIS A 42 -25.09 0.31 -0.39
N ARG A 43 -25.55 1.05 0.61
CA ARG A 43 -26.40 2.20 0.33
C ARG A 43 -25.59 3.26 -0.39
N VAL A 44 -24.33 3.43 0.01
CA VAL A 44 -23.43 4.41 -0.60
C VAL A 44 -23.15 4.05 -2.06
N LYS A 45 -23.08 2.76 -2.38
CA LYS A 45 -23.00 2.30 -3.77
C LYS A 45 -24.31 2.54 -4.54
N GLY A 46 -25.37 2.92 -3.83
CA GLY A 46 -26.65 3.24 -4.44
C GLY A 46 -27.60 2.06 -4.52
N GLU A 47 -27.32 1.01 -3.76
CA GLU A 47 -28.12 -0.21 -3.77
C GLU A 47 -29.29 -0.13 -2.78
N ARG A 48 -30.34 -0.89 -3.02
CA ARG A 48 -31.41 -1.04 -2.04
C ARG A 48 -30.87 -1.96 -0.96
N VAL A 49 -31.12 -1.60 0.29
CA VAL A 49 -30.58 -2.35 1.42
C VAL A 49 -31.65 -2.57 2.48
N PHE A 50 -31.68 -3.79 3.03
CA PHE A 50 -32.45 -4.07 4.23
C PHE A 50 -31.52 -4.67 5.26
N ALA A 51 -31.27 -3.93 6.34
CA ALA A 51 -30.42 -4.41 7.44
C ALA A 51 -31.27 -4.78 8.65
N LEU A 52 -31.05 -5.97 9.18
CA LEU A 52 -31.89 -6.54 10.23
C LEU A 52 -31.07 -6.79 11.50
N THR A 53 -31.68 -6.52 12.65
CA THR A 53 -31.17 -6.96 13.94
C THR A 53 -32.36 -7.26 14.86
N GLY A 54 -32.09 -7.70 16.08
CA GLY A 54 -33.17 -7.94 17.01
C GLY A 54 -32.85 -8.83 18.20
N THR A 55 -33.89 -9.43 18.77
CA THR A 55 -33.76 -10.16 20.01
C THR A 55 -34.43 -11.52 19.95
N ASP A 56 -33.76 -12.48 20.60
CA ASP A 56 -34.15 -13.87 20.67
C ASP A 56 -34.74 -14.02 22.07
N GLU A 57 -36.05 -14.17 22.17
CA GLU A 57 -36.76 -13.94 23.43
C GLU A 57 -37.42 -15.18 24.07
N HIS A 58 -37.41 -16.31 23.37
CA HIS A 58 -37.95 -17.54 23.93
C HIS A 58 -36.84 -18.40 24.51
N GLY A 59 -37.25 -19.53 25.07
CA GLY A 59 -36.32 -20.55 25.51
C GLY A 59 -36.14 -20.60 27.00
N GLN A 60 -35.43 -21.64 27.42
CA GLN A 60 -35.25 -21.94 28.84
C GLN A 60 -34.31 -20.92 29.47
N LYS A 61 -33.25 -20.60 28.75
CA LYS A 61 -32.27 -19.61 29.21
C LYS A 61 -33.01 -18.35 29.61
N VAL A 62 -33.71 -17.75 28.66
CA VAL A 62 -34.44 -16.50 28.91
C VAL A 62 -35.53 -16.64 29.98
N ALA A 63 -36.29 -17.73 29.91
CA ALA A 63 -37.37 -17.95 30.89
C ALA A 63 -36.86 -18.10 32.31
N GLU A 64 -35.69 -18.73 32.48
CA GLU A 64 -35.10 -18.90 33.82
C GLU A 64 -34.42 -17.61 34.30
N ALA A 65 -33.88 -16.83 33.38
CA ALA A 65 -33.36 -15.51 33.74
C ALA A 65 -34.47 -14.60 34.30
N ALA A 66 -35.70 -14.79 33.82
CA ALA A 66 -36.85 -14.00 34.26
C ALA A 66 -37.38 -14.45 35.61
N LYS A 67 -37.30 -15.74 35.89
CA LYS A 67 -37.70 -16.27 37.22
C LYS A 67 -36.72 -15.78 38.29
N GLN A 68 -35.44 -15.72 37.96
CA GLN A 68 -34.40 -15.18 38.86
C GLN A 68 -34.67 -13.73 39.26
N LYS A 69 -35.13 -12.91 38.31
CA LYS A 69 -35.55 -11.54 38.62
C LYS A 69 -37.01 -11.47 39.13
N GLN A 70 -37.70 -12.62 39.15
CA GLN A 70 -39.03 -12.74 39.78
C GLN A 70 -40.10 -11.86 39.11
N VAL A 71 -40.13 -11.85 37.78
CA VAL A 71 -41.18 -11.19 37.00
C VAL A 71 -41.72 -12.07 35.88
N SER A 72 -42.86 -11.67 35.32
CA SER A 72 -43.42 -12.31 34.14
C SER A 72 -42.41 -12.32 32.99
N PRO A 73 -42.39 -13.42 32.20
CA PRO A 73 -41.50 -13.45 31.03
C PRO A 73 -41.87 -12.43 29.96
N TYR A 74 -43.15 -12.10 29.82
CA TYR A 74 -43.59 -11.10 28.87
C TYR A 74 -43.01 -9.75 29.29
N ASP A 75 -43.11 -9.45 30.58
CA ASP A 75 -42.60 -8.18 31.12
C ASP A 75 -41.08 -8.13 31.08
N PHE A 76 -40.45 -9.25 31.41
CA PHE A 76 -39.00 -9.32 31.39
C PHE A 76 -38.46 -9.09 29.98
N THR A 77 -39.02 -9.79 29.00
CA THR A 77 -38.49 -9.73 27.64
C THR A 77 -38.72 -8.37 27.05
N THR A 78 -39.90 -7.81 27.31
CA THR A 78 -40.25 -6.46 26.85
C THR A 78 -39.30 -5.38 27.39
N ALA A 79 -38.93 -5.51 28.66
CA ALA A 79 -38.05 -4.55 29.29
C ALA A 79 -36.64 -4.65 28.70
N VAL A 80 -36.12 -5.86 28.60
CA VAL A 80 -34.76 -6.04 28.14
C VAL A 80 -34.65 -5.70 26.66
N ALA A 81 -35.62 -6.12 25.87
CA ALA A 81 -35.69 -5.73 24.46
C ALA A 81 -35.64 -4.22 24.31
N GLY A 82 -36.44 -3.51 25.11
CA GLY A 82 -36.37 -2.06 25.19
C GLY A 82 -34.98 -1.51 25.47
N GLU A 83 -34.22 -2.21 26.33
CA GLU A 83 -32.83 -1.82 26.63
C GLU A 83 -31.94 -1.98 25.41
N PHE A 84 -32.11 -3.07 24.67
CA PHE A 84 -31.41 -3.28 23.41
C PHE A 84 -31.73 -2.19 22.38
N LYS A 85 -33.01 -1.85 22.27
CA LYS A 85 -33.46 -0.84 21.30
C LYS A 85 -32.88 0.53 21.63
N LYS A 86 -32.91 0.88 22.91
CA LYS A 86 -32.37 2.14 23.40
C LYS A 86 -30.86 2.22 23.12
N CYS A 87 -30.17 1.11 23.37
CA CYS A 87 -28.73 1.02 23.17
C CYS A 87 -28.35 1.21 21.71
N PHE A 88 -29.15 0.65 20.80
CA PHE A 88 -28.86 0.74 19.38
C PHE A 88 -29.25 2.11 18.83
N GLU A 89 -30.32 2.72 19.34
CA GLU A 89 -30.64 4.10 18.97
C GLU A 89 -29.47 4.99 19.33
N GLN A 90 -28.98 4.83 20.56
CA GLN A 90 -27.89 5.63 21.07
C GLN A 90 -26.58 5.41 20.27
N MET A 91 -26.38 4.20 19.77
CA MET A 91 -25.19 3.90 18.98
C MET A 91 -25.25 4.49 17.59
N ASP A 92 -26.43 4.92 17.16
CA ASP A 92 -26.56 5.71 15.93
C ASP A 92 -26.23 4.84 14.71
N TYR A 93 -26.89 3.70 14.66
CA TYR A 93 -26.85 2.80 13.51
C TYR A 93 -27.89 3.23 12.52
N SER A 94 -27.91 2.59 11.35
CA SER A 94 -28.95 2.83 10.36
C SER A 94 -29.57 1.49 10.00
N ILE A 95 -30.05 0.79 11.02
CA ILE A 95 -30.68 -0.51 10.88
C ILE A 95 -32.13 -0.31 10.48
N ASP A 96 -32.60 -1.10 9.51
CA ASP A 96 -33.94 -0.90 8.94
C ASP A 96 -35.06 -1.50 9.77
N TYR A 97 -34.77 -2.56 10.53
CA TYR A 97 -35.80 -3.20 11.37
C TYR A 97 -35.20 -3.98 12.54
N PHE A 98 -35.89 -3.89 13.67
CA PHE A 98 -35.54 -4.57 14.91
C PHE A 98 -36.64 -5.60 15.21
N ILE A 99 -36.31 -6.87 15.07
CA ILE A 99 -37.28 -7.98 15.16
C ILE A 99 -37.21 -8.65 16.52
N ARG A 100 -38.36 -9.07 17.00
CA ARG A 100 -38.50 -9.74 18.30
C ARG A 100 -39.20 -11.07 18.09
N THR A 101 -38.65 -12.16 18.63
CA THR A 101 -39.24 -13.47 18.37
C THR A 101 -40.62 -13.67 19.04
N THR A 102 -40.94 -12.81 20.01
CA THR A 102 -42.32 -12.75 20.57
C THR A 102 -43.36 -12.20 19.58
N ASN A 103 -42.91 -11.63 18.48
CA ASN A 103 -43.81 -11.07 17.48
C ASN A 103 -44.73 -12.15 16.89
N GLU A 104 -46.00 -11.81 16.81
CA GLU A 104 -47.04 -12.73 16.38
C GLU A 104 -46.85 -13.18 14.94
N GLN A 105 -46.34 -12.30 14.08
CA GLN A 105 -46.08 -12.64 12.67
C GLN A 105 -44.89 -13.59 12.50
N HIS A 106 -43.86 -13.40 13.31
CA HIS A 106 -42.75 -14.36 13.36
C HIS A 106 -43.21 -15.77 13.73
N LYS A 107 -44.07 -15.87 14.74
CA LYS A 107 -44.62 -17.14 15.14
C LYS A 107 -45.25 -17.86 13.98
N ALA A 108 -46.02 -17.12 13.18
CA ALA A 108 -46.71 -17.70 12.01
C ALA A 108 -45.72 -18.27 11.00
N VAL A 109 -44.62 -17.55 10.79
CA VAL A 109 -43.58 -17.98 9.85
C VAL A 109 -42.88 -19.26 10.35
N VAL A 110 -42.59 -19.31 11.65
CA VAL A 110 -42.01 -20.50 12.26
C VAL A 110 -42.92 -21.72 12.05
N LYS A 111 -44.21 -21.54 12.30
CA LYS A 111 -45.16 -22.65 12.14
C LYS A 111 -45.24 -23.10 10.69
N GLU A 112 -45.20 -22.14 9.78
CA GLU A 112 -45.19 -22.40 8.36
C GLU A 112 -43.93 -23.20 7.95
N LEU A 113 -42.77 -22.80 8.47
CA LEU A 113 -41.53 -23.51 8.17
C LEU A 113 -41.51 -24.92 8.78
N TRP A 114 -41.89 -25.05 10.04
CA TRP A 114 -41.99 -26.36 10.69
C TRP A 114 -42.80 -27.32 9.82
N THR A 115 -43.95 -26.83 9.35
CA THR A 115 -44.88 -27.64 8.60
C THR A 115 -44.26 -28.04 7.27
N LYS A 116 -43.49 -27.14 6.65
CA LYS A 116 -42.74 -27.46 5.44
C LYS A 116 -41.78 -28.62 5.67
N LEU A 117 -40.99 -28.53 6.73
CA LEU A 117 -40.02 -29.59 7.05
C LEU A 117 -40.70 -30.92 7.31
N GLU A 118 -41.86 -30.88 7.97
CA GLU A 118 -42.63 -32.07 8.28
C GLU A 118 -43.25 -32.68 7.02
N GLN A 119 -43.93 -31.87 6.21
CA GLN A 119 -44.48 -32.34 4.93
C GLN A 119 -43.40 -32.92 4.03
N LYS A 120 -42.20 -32.38 4.14
CA LYS A 120 -41.05 -32.83 3.39
C LYS A 120 -40.55 -34.21 3.85
N GLY A 121 -40.97 -34.64 5.05
CA GLY A 121 -40.57 -35.94 5.60
C GLY A 121 -39.29 -35.89 6.42
N ASP A 122 -38.84 -34.68 6.78
CA ASP A 122 -37.57 -34.53 7.50
C ASP A 122 -37.69 -34.40 9.01
N ILE A 123 -38.90 -34.57 9.53
CA ILE A 123 -39.12 -34.51 10.97
C ILE A 123 -39.84 -35.76 11.48
N TYR A 124 -39.25 -36.42 12.47
CA TYR A 124 -39.84 -37.62 13.06
C TYR A 124 -39.79 -37.54 14.59
N LEU A 125 -40.70 -38.28 15.24
CA LEU A 125 -40.70 -38.36 16.68
C LEU A 125 -39.65 -39.35 17.08
N GLY A 126 -38.67 -38.88 17.88
CA GLY A 126 -37.61 -39.73 18.42
C GLY A 126 -37.21 -39.33 19.83
N ARG A 127 -35.94 -39.54 20.18
CA ARG A 127 -35.41 -39.22 21.50
C ARG A 127 -34.03 -38.60 21.42
N TYR A 128 -33.81 -37.54 22.20
CA TYR A 128 -32.48 -37.08 22.50
C TYR A 128 -32.10 -37.57 23.89
N GLU A 129 -30.97 -38.25 23.99
CA GLU A 129 -30.43 -38.62 25.28
C GLU A 129 -28.97 -38.18 25.25
N GLY A 130 -28.69 -37.06 25.89
CA GLY A 130 -27.36 -36.49 25.81
C GLY A 130 -27.22 -35.19 26.58
N TRP A 131 -26.07 -34.57 26.43
CA TRP A 131 -25.77 -33.33 27.11
C TRP A 131 -26.37 -32.12 26.41
N TYR A 132 -26.60 -31.07 27.18
CA TYR A 132 -27.19 -29.83 26.71
C TYR A 132 -26.70 -28.65 27.53
N SER A 133 -26.31 -27.58 26.85
CA SER A 133 -25.95 -26.33 27.51
C SER A 133 -27.13 -25.37 27.43
N ILE A 134 -27.80 -25.16 28.55
CA ILE A 134 -28.94 -24.23 28.58
C ILE A 134 -28.50 -22.82 28.18
N SER A 135 -27.33 -22.42 28.64
CA SER A 135 -26.81 -21.08 28.41
C SER A 135 -26.51 -20.81 26.93
N ASP A 136 -26.13 -21.84 26.19
CA ASP A 136 -25.91 -21.74 24.74
C ASP A 136 -27.08 -22.32 23.93
N GLU A 137 -28.08 -22.84 24.64
CA GLU A 137 -29.20 -23.60 24.03
C GLU A 137 -28.66 -24.59 23.00
N SER A 138 -27.61 -25.32 23.38
CA SER A 138 -26.86 -26.14 22.45
C SER A 138 -26.74 -27.58 22.90
N PHE A 139 -26.97 -28.49 21.96
CA PHE A 139 -26.70 -29.90 22.18
C PHE A 139 -25.22 -30.17 22.00
N LEU A 140 -24.69 -31.03 22.86
CA LEU A 140 -23.27 -31.34 22.90
C LEU A 140 -23.00 -32.85 23.03
N THR A 141 -22.00 -33.35 22.30
CA THR A 141 -21.53 -34.71 22.45
C THR A 141 -20.57 -34.81 23.66
N PRO A 142 -20.30 -36.03 24.16
CA PRO A 142 -19.39 -36.16 25.31
C PRO A 142 -17.97 -35.63 25.04
N GLN A 143 -17.54 -35.68 23.78
CA GLN A 143 -16.22 -35.19 23.40
C GLN A 143 -16.14 -33.68 23.56
N ASN A 144 -17.29 -33.01 23.69
CA ASN A 144 -17.35 -31.54 23.86
C ASN A 144 -17.75 -31.06 25.25
N ILE A 145 -17.62 -31.90 26.26
CA ILE A 145 -17.78 -31.48 27.66
C ILE A 145 -16.55 -31.85 28.47
N THR A 146 -16.39 -31.22 29.63
CA THR A 146 -15.32 -31.57 30.55
C THR A 146 -15.75 -31.28 31.98
N ASP A 147 -14.85 -31.52 32.93
CA ASP A 147 -15.12 -31.27 34.34
C ASP A 147 -14.98 -29.79 34.69
N GLY A 148 -15.75 -29.36 35.69
CA GLY A 148 -15.73 -27.98 36.18
C GLY A 148 -16.52 -27.85 37.46
N VAL A 149 -16.79 -26.61 37.87
CA VAL A 149 -17.54 -26.34 39.11
C VAL A 149 -18.73 -25.44 38.84
N ASP A 150 -19.87 -25.75 39.46
CA ASP A 150 -21.09 -24.96 39.27
C ASP A 150 -20.99 -23.62 40.03
N LYS A 151 -22.08 -22.86 40.05
CA LYS A 151 -22.10 -21.56 40.73
C LYS A 151 -22.01 -21.66 42.27
N ASP A 152 -22.07 -22.88 42.80
CA ASP A 152 -21.85 -23.14 44.24
C ASP A 152 -20.46 -23.72 44.54
N GLY A 153 -19.62 -23.89 43.51
CA GLY A 153 -18.30 -24.50 43.68
C GLY A 153 -18.30 -26.02 43.79
N ASN A 154 -19.44 -26.65 43.56
CA ASN A 154 -19.53 -28.11 43.55
C ASN A 154 -19.14 -28.67 42.19
N PRO A 155 -18.63 -29.92 42.16
CA PRO A 155 -18.17 -30.48 40.90
C PRO A 155 -19.32 -30.75 39.96
N CYS A 156 -19.14 -30.42 38.68
CA CYS A 156 -20.17 -30.62 37.67
C CYS A 156 -19.51 -30.78 36.31
N LYS A 157 -20.33 -30.83 35.27
CA LYS A 157 -19.83 -30.87 33.91
C LYS A 157 -20.09 -29.53 33.22
N VAL A 158 -19.21 -29.15 32.31
CA VAL A 158 -19.34 -27.89 31.57
C VAL A 158 -18.94 -28.05 30.11
N SER A 159 -19.31 -27.06 29.31
CA SER A 159 -18.99 -27.05 27.90
C SER A 159 -17.53 -26.76 27.64
N LEU A 160 -16.91 -27.49 26.72
CA LEU A 160 -15.57 -27.14 26.21
C LEU A 160 -15.62 -25.86 25.39
N GLU A 161 -16.71 -25.64 24.67
CA GLU A 161 -16.90 -24.44 23.85
C GLU A 161 -16.93 -23.18 24.70
N SER A 162 -17.78 -23.16 25.72
CA SER A 162 -18.12 -21.93 26.43
C SER A 162 -17.88 -21.93 27.94
N GLY A 163 -17.73 -23.11 28.54
CA GLY A 163 -17.50 -23.21 29.98
C GLY A 163 -18.75 -23.09 30.83
N HIS A 164 -19.91 -23.02 30.21
CA HIS A 164 -21.16 -23.00 30.97
C HIS A 164 -21.55 -24.41 31.39
N VAL A 165 -22.34 -24.48 32.46
CA VAL A 165 -22.80 -25.76 33.00
C VAL A 165 -23.65 -26.53 31.99
N VAL A 166 -23.35 -27.81 31.82
CA VAL A 166 -24.15 -28.69 30.97
C VAL A 166 -24.98 -29.65 31.82
N THR A 167 -26.16 -29.98 31.29
CA THR A 167 -27.10 -30.88 31.94
C THR A 167 -27.41 -32.05 31.00
N TRP A 168 -27.76 -33.19 31.57
CA TRP A 168 -28.16 -34.35 30.79
C TRP A 168 -29.67 -34.32 30.59
N VAL A 169 -30.08 -34.41 29.32
CA VAL A 169 -31.47 -34.34 28.92
C VAL A 169 -31.83 -35.72 28.40
N SER A 170 -33.03 -36.17 28.73
CA SER A 170 -33.53 -37.44 28.22
C SER A 170 -35.00 -37.26 27.95
N GLU A 171 -35.34 -37.01 26.68
CA GLU A 171 -36.69 -36.62 26.32
C GLU A 171 -37.06 -37.15 24.96
N GLU A 172 -38.30 -37.59 24.84
CA GLU A 172 -38.93 -37.77 23.54
C GLU A 172 -39.05 -36.40 22.84
N ASN A 173 -38.39 -36.23 21.69
CA ASN A 173 -38.40 -34.97 20.96
C ASN A 173 -38.65 -35.23 19.49
N TYR A 174 -39.24 -34.25 18.80
CA TYR A 174 -39.27 -34.27 17.35
C TYR A 174 -37.83 -34.03 16.87
N MET A 175 -37.39 -34.82 15.90
CA MET A 175 -36.02 -34.77 15.41
C MET A 175 -35.99 -34.38 13.95
N PHE A 176 -35.06 -33.51 13.59
CA PHE A 176 -34.81 -33.15 12.19
C PHE A 176 -33.71 -34.06 11.65
N ARG A 177 -33.86 -34.49 10.39
CA ARG A 177 -32.94 -35.44 9.75
C ARG A 177 -31.66 -34.82 9.22
N LEU A 178 -30.90 -34.21 10.11
CA LEU A 178 -29.70 -33.47 9.72
C LEU A 178 -28.66 -34.39 9.08
N SER A 179 -28.55 -35.61 9.60
CA SER A 179 -27.72 -36.65 9.01
C SER A 179 -27.92 -36.82 7.49
N ALA A 180 -29.16 -36.71 7.03
CA ALA A 180 -29.46 -36.82 5.60
C ALA A 180 -28.94 -35.67 4.73
N PHE A 181 -28.44 -34.60 5.34
CA PHE A 181 -28.06 -33.39 4.62
C PHE A 181 -26.57 -33.19 4.53
N ARG A 182 -25.80 -34.18 4.99
CA ARG A 182 -24.34 -34.09 4.94
C ARG A 182 -23.81 -33.82 3.55
N GLU A 183 -24.22 -34.67 2.61
CA GLU A 183 -23.66 -34.61 1.27
C GLU A 183 -24.00 -33.28 0.56
N ARG A 184 -25.24 -32.82 0.72
CA ARG A 184 -25.66 -31.56 0.13
C ARG A 184 -24.97 -30.35 0.75
N LEU A 185 -24.75 -30.38 2.06
CA LEU A 185 -23.99 -29.33 2.73
C LEU A 185 -22.56 -29.26 2.22
N LEU A 186 -21.88 -30.41 2.10
CA LEU A 186 -20.54 -30.44 1.50
C LEU A 186 -20.53 -29.89 0.06
N GLU A 187 -21.48 -30.34 -0.76
CA GLU A 187 -21.60 -29.82 -2.13
C GLU A 187 -21.67 -28.30 -2.08
N TRP A 188 -22.46 -27.79 -1.15
CA TRP A 188 -22.68 -26.35 -1.03
C TRP A 188 -21.42 -25.60 -0.62
N TYR A 189 -20.70 -26.11 0.38
CA TYR A 189 -19.48 -25.44 0.85
C TYR A 189 -18.44 -25.37 -0.26
N HIS A 190 -18.31 -26.45 -1.02
CA HIS A 190 -17.31 -26.54 -2.07
C HIS A 190 -17.66 -25.74 -3.32
N ALA A 191 -18.95 -25.66 -3.64
CA ALA A 191 -19.38 -24.92 -4.83
C ALA A 191 -19.37 -23.42 -4.57
N ASN A 192 -19.31 -23.04 -3.30
CA ASN A 192 -19.32 -21.63 -2.91
C ASN A 192 -18.25 -21.41 -1.85
N PRO A 193 -16.99 -21.44 -2.28
CA PRO A 193 -15.87 -21.40 -1.34
C PRO A 193 -15.59 -20.01 -0.72
N GLY A 194 -16.43 -19.01 -1.02
CA GLY A 194 -16.42 -17.75 -0.28
C GLY A 194 -17.63 -17.57 0.64
N CYS A 195 -18.40 -18.64 0.87
CA CYS A 195 -19.66 -18.52 1.61
C CYS A 195 -19.49 -18.49 3.13
N ILE A 196 -18.33 -18.91 3.63
CA ILE A 196 -18.00 -18.73 5.03
C ILE A 196 -16.67 -18.00 5.14
N VAL A 197 -16.67 -16.92 5.91
CA VAL A 197 -15.53 -16.05 6.11
C VAL A 197 -15.33 -15.90 7.61
N PRO A 198 -14.07 -15.90 8.08
CA PRO A 198 -12.82 -16.07 7.37
C PRO A 198 -12.56 -17.52 7.02
N GLU A 199 -11.59 -17.74 6.15
CA GLU A 199 -11.36 -19.03 5.55
C GLU A 199 -11.17 -20.17 6.55
N PHE A 200 -10.48 -19.92 7.66
CA PHE A 200 -10.22 -21.02 8.61
C PHE A 200 -11.49 -21.49 9.32
N ARG A 201 -12.46 -20.60 9.51
CA ARG A 201 -13.77 -21.01 10.04
C ARG A 201 -14.54 -21.80 9.01
N ARG A 202 -14.38 -21.46 7.74
CA ARG A 202 -14.90 -22.30 6.67
C ARG A 202 -14.31 -23.71 6.70
N ARG A 203 -13.00 -23.81 6.86
CA ARG A 203 -12.35 -25.12 6.96
C ARG A 203 -12.85 -25.88 8.19
N GLU A 204 -13.05 -25.16 9.30
CA GLU A 204 -13.60 -25.78 10.53
C GLU A 204 -14.95 -26.43 10.26
N VAL A 205 -15.84 -25.71 9.59
CA VAL A 205 -17.16 -26.26 9.31
C VAL A 205 -17.09 -27.48 8.43
N ILE A 206 -16.30 -27.43 7.36
CA ILE A 206 -16.20 -28.57 6.43
C ILE A 206 -15.68 -29.81 7.16
N ARG A 207 -14.60 -29.67 7.93
CA ARG A 207 -14.10 -30.76 8.78
C ARG A 207 -15.19 -31.42 9.63
N ALA A 208 -16.03 -30.59 10.26
CA ALA A 208 -17.04 -31.11 11.18
C ALA A 208 -18.10 -31.90 10.42
N VAL A 209 -18.51 -31.40 9.27
CA VAL A 209 -19.53 -32.07 8.48
C VAL A 209 -18.98 -33.32 7.78
N GLU A 210 -17.69 -33.29 7.41
CA GLU A 210 -17.01 -34.47 6.88
C GLU A 210 -17.13 -35.67 7.83
N LYS A 211 -16.92 -35.43 9.13
CA LYS A 211 -16.99 -36.49 10.14
C LYS A 211 -18.37 -37.17 10.23
N GLY A 212 -19.43 -36.47 9.82
CA GLY A 212 -20.79 -37.01 9.88
C GLY A 212 -21.64 -36.17 10.81
N LEU A 213 -22.95 -36.20 10.63
CA LEU A 213 -23.88 -35.40 11.41
C LEU A 213 -24.96 -36.27 12.04
N PRO A 214 -25.23 -36.06 13.34
CA PRO A 214 -26.37 -36.70 13.94
C PRO A 214 -27.64 -35.89 13.66
N ASP A 215 -28.78 -36.56 13.73
CA ASP A 215 -30.07 -35.90 13.66
C ASP A 215 -30.17 -34.96 14.85
N LEU A 216 -31.04 -33.96 14.74
CA LEU A 216 -31.08 -32.83 15.66
C LEU A 216 -32.48 -32.66 16.25
N SER A 217 -32.54 -32.61 17.57
CA SER A 217 -33.79 -32.40 18.25
C SER A 217 -34.27 -30.99 17.96
N VAL A 218 -35.48 -30.88 17.43
CA VAL A 218 -36.06 -29.59 17.08
C VAL A 218 -37.30 -29.27 17.92
N SER A 219 -37.64 -30.14 18.87
CA SER A 219 -38.61 -29.78 19.90
C SER A 219 -38.11 -30.16 21.27
N ARG A 220 -38.81 -29.68 22.29
CA ARG A 220 -38.59 -30.07 23.69
C ARG A 220 -39.96 -30.21 24.35
N ALA A 221 -40.03 -30.98 25.43
CA ALA A 221 -41.27 -31.08 26.20
C ALA A 221 -41.57 -29.70 26.76
N ARG A 222 -42.85 -29.34 26.78
CA ARG A 222 -43.25 -27.97 27.14
C ARG A 222 -42.90 -27.59 28.58
N ALA A 223 -42.94 -28.56 29.49
CA ALA A 223 -42.58 -28.30 30.89
C ALA A 223 -41.14 -27.79 31.04
N THR A 224 -40.22 -28.44 30.35
CA THR A 224 -38.80 -28.10 30.42
C THR A 224 -38.52 -26.67 30.02
N LEU A 225 -39.36 -26.14 29.13
CA LEU A 225 -39.24 -24.77 28.62
C LEU A 225 -40.04 -23.76 29.43
N HIS A 226 -40.65 -24.22 30.53
CA HIS A 226 -41.60 -23.41 31.29
C HIS A 226 -42.64 -22.77 30.38
N ASN A 227 -43.03 -23.49 29.34
CA ASN A 227 -44.03 -23.03 28.39
C ASN A 227 -43.73 -21.67 27.75
N TRP A 228 -42.46 -21.30 27.68
CA TRP A 228 -42.07 -20.01 27.12
C TRP A 228 -41.37 -20.23 25.76
N ALA A 229 -42.20 -20.51 24.76
CA ALA A 229 -41.76 -20.98 23.45
C ALA A 229 -42.93 -21.16 22.50
N ILE A 230 -42.65 -21.47 21.24
CA ILE A 230 -43.69 -21.66 20.23
C ILE A 230 -44.18 -23.11 20.20
N PRO A 231 -45.49 -23.35 20.35
CA PRO A 231 -45.95 -24.73 20.32
C PRO A 231 -45.70 -25.40 18.97
N VAL A 232 -45.32 -26.67 18.99
CA VAL A 232 -45.23 -27.45 17.75
C VAL A 232 -46.61 -27.56 17.12
N PRO A 233 -46.74 -27.20 15.82
CA PRO A 233 -48.04 -27.34 15.14
C PRO A 233 -48.59 -28.75 15.24
N GLY A 234 -49.82 -28.88 15.70
CA GLY A 234 -50.45 -30.18 15.86
C GLY A 234 -49.98 -30.99 17.07
N ASN A 235 -49.08 -30.46 17.89
CA ASN A 235 -48.71 -31.15 19.12
C ASN A 235 -48.42 -30.20 20.30
N PRO A 236 -49.47 -29.83 21.05
CA PRO A 236 -49.41 -28.93 22.21
C PRO A 236 -48.41 -29.31 23.29
N ASP A 237 -48.02 -30.58 23.39
CA ASP A 237 -47.08 -31.03 24.43
C ASP A 237 -45.63 -30.62 24.14
N HIS A 238 -45.33 -30.26 22.90
CA HIS A 238 -43.97 -29.88 22.50
C HIS A 238 -43.88 -28.41 22.12
N VAL A 240 -41.25 -25.71 19.98
CA VAL A 240 -40.19 -25.66 18.97
C VAL A 240 -38.84 -25.22 19.55
N TYR A 241 -37.78 -25.96 19.21
CA TYR A 241 -36.42 -25.61 19.58
C TYR A 241 -36.17 -24.12 19.34
N VAL A 242 -35.64 -23.47 20.37
CA VAL A 242 -35.44 -22.04 20.34
C VAL A 242 -34.56 -21.62 19.18
N TRP A 243 -33.63 -22.47 18.78
CA TRP A 243 -32.74 -22.13 17.65
C TRP A 243 -33.43 -22.20 16.30
N LEU A 244 -34.36 -23.13 16.13
CA LEU A 244 -35.13 -23.21 14.89
C LEU A 244 -36.03 -21.97 14.77
N ASP A 245 -36.72 -21.66 15.87
CA ASP A 245 -37.43 -20.39 16.09
C ASP A 245 -36.52 -19.19 15.79
N ALA A 246 -35.35 -19.16 16.42
CA ALA A 246 -34.44 -18.02 16.27
C ALA A 246 -33.98 -17.80 14.82
N LEU A 247 -33.46 -18.84 14.20
CA LEU A 247 -32.91 -18.70 12.84
C LEU A 247 -34.00 -18.24 11.90
N THR A 248 -35.23 -18.70 12.13
CA THR A 248 -36.34 -18.30 11.29
C THR A 248 -36.57 -16.76 11.27
N ASN A 249 -35.98 -16.02 12.20
CA ASN A 249 -36.14 -14.55 12.18
C ASN A 249 -35.67 -13.96 10.86
N TYR A 250 -34.65 -14.57 10.26
CA TYR A 250 -34.11 -14.07 9.01
C TYR A 250 -35.18 -14.14 7.91
N LEU A 251 -35.88 -15.27 7.85
CA LEU A 251 -36.97 -15.45 6.89
C LEU A 251 -38.15 -14.50 7.20
N THR A 252 -38.58 -14.51 8.45
CA THR A 252 -39.60 -13.56 8.90
C THR A 252 -39.22 -12.14 8.50
N GLY A 253 -38.00 -11.75 8.82
CA GLY A 253 -37.54 -10.39 8.55
C GLY A 253 -37.60 -10.04 7.09
N SER A 254 -37.36 -11.04 6.23
CA SER A 254 -37.38 -10.84 4.79
C SER A 254 -38.80 -10.63 4.26
N ARG A 255 -39.82 -10.88 5.09
CA ARG A 255 -41.23 -10.87 4.65
C ARG A 255 -42.09 -9.81 5.35
N LEU A 256 -41.46 -8.86 6.03
CA LEU A 256 -42.21 -7.84 6.77
C LEU A 256 -42.17 -6.47 6.09
N ARG A 257 -43.32 -5.94 5.72
CA ARG A 257 -43.43 -4.55 5.28
C ARG A 257 -43.43 -3.66 6.50
N VAL A 258 -42.52 -2.70 6.52
CA VAL A 258 -42.25 -1.85 7.69
C VAL A 258 -42.60 -0.40 7.34
N ASP A 259 -43.35 0.28 8.22
CA ASP A 259 -43.73 1.69 8.02
C ASP A 259 -42.57 2.64 8.37
N GLU A 260 -42.80 3.95 8.23
CA GLU A 260 -41.72 4.94 8.39
C GLU A 260 -41.12 5.04 9.81
N SER A 261 -41.90 4.66 10.84
CA SER A 261 -41.39 4.67 12.22
C SER A 261 -40.77 3.30 12.64
N GLY A 262 -40.55 2.40 11.69
CA GLY A 262 -39.87 1.13 11.97
C GLY A 262 -40.76 0.08 12.61
N LYS A 263 -42.08 0.24 12.49
CA LYS A 263 -43.03 -0.74 12.99
C LYS A 263 -43.46 -1.67 11.86
N GLU A 264 -43.55 -2.96 12.16
CA GLU A 264 -44.04 -3.95 11.21
C GLU A 264 -45.55 -3.80 11.02
N VAL A 265 -46.01 -3.69 9.78
CA VAL A 265 -47.44 -3.50 9.52
C VAL A 265 -48.07 -4.62 8.69
N SER A 266 -47.28 -5.56 8.19
CA SER A 266 -47.81 -6.58 7.28
C SER A 266 -46.78 -7.67 7.05
N LEU A 267 -47.25 -8.91 6.99
CA LEU A 267 -46.44 -10.06 6.66
C LEU A 267 -46.89 -10.59 5.31
N VAL A 268 -45.99 -10.64 4.35
CA VAL A 268 -46.31 -11.11 2.99
C VAL A 268 -46.20 -12.62 2.92
N ASP A 269 -46.88 -13.22 1.95
CA ASP A 269 -47.00 -14.67 1.88
C ASP A 269 -45.73 -15.37 1.41
N ASP A 270 -44.97 -14.66 0.60
CA ASP A 270 -43.88 -15.25 -0.17
C ASP A 270 -42.71 -14.25 -0.16
N PHE A 271 -41.52 -14.72 0.21
CA PHE A 271 -40.33 -13.86 0.33
C PHE A 271 -40.00 -13.08 -0.94
N ASN A 272 -40.28 -13.65 -2.10
CA ASN A 272 -40.04 -12.96 -3.37
C ASN A 272 -40.69 -11.59 -3.46
N GLU A 273 -41.78 -11.37 -2.74
CA GLU A 273 -42.50 -10.11 -2.83
C GLU A 273 -41.65 -8.93 -2.40
N LEU A 274 -40.76 -9.12 -1.41
CA LEU A 274 -39.91 -8.03 -0.93
C LEU A 274 -38.47 -8.12 -1.44
N GLU A 275 -38.11 -9.23 -2.09
CA GLU A 275 -36.83 -9.39 -2.79
C GLU A 275 -35.61 -9.29 -1.86
N ARG A 276 -35.78 -9.67 -0.59
CA ARG A 276 -34.71 -9.64 0.37
C ARG A 276 -34.08 -11.02 0.52
N PHE A 277 -34.92 -12.04 0.62
CA PHE A 277 -34.42 -13.38 0.94
C PHE A 277 -33.75 -14.00 -0.28
N PRO A 278 -32.62 -14.72 -0.09
CA PRO A 278 -31.90 -15.03 1.15
C PRO A 278 -30.88 -13.95 1.49
N ALA A 279 -30.33 -14.01 2.70
CA ALA A 279 -29.36 -13.03 3.14
C ALA A 279 -28.12 -13.06 2.28
N ASP A 280 -27.66 -11.87 1.91
CA ASP A 280 -26.41 -11.71 1.23
C ASP A 280 -25.26 -11.88 2.22
N VAL A 281 -25.46 -11.41 3.45
CA VAL A 281 -24.48 -11.62 4.52
C VAL A 281 -25.16 -11.82 5.87
N HIS A 282 -24.94 -12.95 6.51
CA HIS A 282 -25.26 -13.10 7.93
C HIS A 282 -24.01 -12.76 8.72
N VAL A 283 -24.07 -11.69 9.51
CA VAL A 283 -22.99 -11.37 10.45
C VAL A 283 -23.25 -12.16 11.73
N ILE A 284 -22.23 -12.90 12.19
CA ILE A 284 -22.32 -13.65 13.46
C ILE A 284 -21.02 -13.71 14.22
N GLY A 285 -21.10 -14.02 15.51
CA GLY A 285 -19.92 -14.30 16.33
C GLY A 285 -19.58 -15.78 16.17
N LYS A 286 -18.30 -16.12 16.40
CA LYS A 286 -17.82 -17.47 16.16
C LYS A 286 -18.54 -18.52 17.02
N ASP A 287 -19.06 -18.08 18.16
CA ASP A 287 -19.78 -18.98 19.07
C ASP A 287 -21.00 -19.68 18.44
N ILE A 288 -21.58 -19.11 17.37
CA ILE A 288 -22.84 -19.63 16.81
C ILE A 288 -22.71 -20.03 15.34
N LEU A 289 -21.50 -20.42 14.96
CA LEU A 289 -21.21 -20.85 13.61
C LEU A 289 -22.02 -22.07 13.19
N LYS A 290 -22.06 -23.10 14.04
CA LYS A 290 -22.70 -24.34 13.65
C LYS A 290 -24.16 -24.16 13.29
N PHE A 291 -24.84 -23.29 14.05
CA PHE A 291 -26.27 -23.02 13.84
C PHE A 291 -26.53 -22.41 12.46
N HIS A 292 -25.64 -21.52 12.04
CA HIS A 292 -25.77 -20.75 10.79
C HIS A 292 -25.21 -21.45 9.55
N ALA A 293 -24.15 -22.24 9.73
CA ALA A 293 -23.41 -22.85 8.62
C ALA A 293 -23.73 -24.33 8.41
N ILE A 294 -24.31 -24.99 9.42
CA ILE A 294 -24.75 -26.37 9.31
C ILE A 294 -26.26 -26.49 9.41
N TYR A 295 -26.88 -26.08 10.52
CA TYR A 295 -28.32 -26.29 10.71
C TYR A 295 -29.17 -25.47 9.76
N TRP A 296 -28.89 -24.18 9.71
CA TRP A 296 -29.68 -23.24 8.95
C TRP A 296 -29.77 -23.68 7.49
N PRO A 297 -28.61 -23.87 6.80
CA PRO A 297 -28.73 -24.28 5.41
C PRO A 297 -29.39 -25.63 5.25
N ALA A 298 -29.31 -26.50 6.24
CA ALA A 298 -30.03 -27.78 6.17
C ALA A 298 -31.54 -27.59 6.24
N PHE A 299 -32.01 -26.70 7.12
CA PHE A 299 -33.45 -26.39 7.21
C PHE A 299 -33.98 -25.81 5.90
N LEU A 300 -33.16 -24.99 5.27
CA LEU A 300 -33.52 -24.31 4.02
C LEU A 300 -33.57 -25.30 2.87
N LEU A 301 -32.57 -26.16 2.78
CA LEU A 301 -32.59 -27.22 1.77
C LEU A 301 -33.83 -28.08 1.95
N SER A 302 -34.15 -28.47 3.19
CA SER A 302 -35.34 -29.28 3.43
C SER A 302 -36.58 -28.56 2.94
N ALA A 303 -36.68 -27.28 3.26
CA ALA A 303 -37.88 -26.50 2.95
C ALA A 303 -37.92 -26.03 1.51
N GLY A 304 -36.81 -26.16 0.79
CA GLY A 304 -36.75 -25.75 -0.61
C GLY A 304 -36.55 -24.25 -0.75
N LEU A 305 -35.95 -23.63 0.26
CA LEU A 305 -35.69 -22.18 0.26
C LEU A 305 -34.26 -21.92 -0.17
N PRO A 306 -33.98 -20.75 -0.72
CA PRO A 306 -32.62 -20.48 -1.17
C PRO A 306 -31.66 -20.21 0.00
N LEU A 307 -30.38 -20.49 -0.22
CA LEU A 307 -29.38 -20.43 0.82
C LEU A 307 -28.71 -19.07 0.83
N PRO A 308 -28.22 -18.65 2.01
CA PRO A 308 -27.51 -17.38 2.11
C PRO A 308 -26.21 -17.40 1.32
N LYS A 309 -25.76 -16.22 0.88
CA LYS A 309 -24.55 -16.11 0.08
C LYS A 309 -23.28 -16.15 0.93
N LYS A 310 -23.30 -15.43 2.05
CA LYS A 310 -22.15 -15.34 2.94
C LYS A 310 -22.54 -15.36 4.43
N ILE A 311 -21.77 -16.12 5.20
CA ILE A 311 -21.79 -16.06 6.65
C ILE A 311 -20.42 -15.52 7.09
N VAL A 312 -20.39 -14.43 7.83
CA VAL A 312 -19.13 -13.91 8.34
C VAL A 312 -19.14 -14.01 9.85
N ALA A 313 -18.13 -14.67 10.40
CA ALA A 313 -18.02 -14.93 11.83
C ALA A 313 -16.80 -14.24 12.41
N HIS A 314 -17.03 -13.40 13.41
CA HIS A 314 -15.96 -12.62 14.02
C HIS A 314 -15.56 -13.21 15.37
N GLY A 315 -14.52 -12.68 16.01
CA GLY A 315 -14.07 -13.13 17.32
C GLY A 315 -14.62 -12.35 18.51
N TRP A 316 -14.16 -12.70 19.72
CA TRP A 316 -14.61 -12.07 20.97
C TRP A 316 -13.63 -11.03 21.46
N TRP A 317 -14.14 -9.99 22.10
CA TRP A 317 -13.33 -8.91 22.67
C TRP A 317 -12.85 -9.19 24.10
N THR A 318 -11.71 -8.61 24.44
CA THR A 318 -11.19 -8.55 25.80
C THR A 318 -10.86 -7.08 26.11
N LYS A 319 -10.77 -6.73 27.40
CA LYS A 319 -10.32 -5.38 27.80
C LYS A 319 -9.10 -5.47 28.71
N ASP A 320 -8.01 -4.80 28.30
CA ASP A 320 -6.73 -4.89 28.99
C ASP A 320 -6.21 -6.34 29.07
N ARG A 321 -6.39 -7.09 27.98
CA ARG A 321 -5.95 -8.49 27.86
C ARG A 321 -6.64 -9.46 28.84
N LYS A 322 -7.83 -9.09 29.32
CA LYS A 322 -8.60 -9.91 30.27
C LYS A 322 -10.08 -9.96 29.89
N LYS A 323 -10.78 -10.99 30.36
CA LYS A 323 -12.21 -11.15 30.04
C LYS A 323 -13.05 -9.98 30.55
N ILE A 324 -14.08 -9.64 29.78
CA ILE A 324 -15.02 -8.59 30.16
C ILE A 324 -16.14 -9.22 31.00
N SER A 325 -16.37 -8.65 32.18
CA SER A 325 -17.39 -9.13 33.11
C SER A 325 -17.69 -8.08 34.17
N LYS A 326 -18.94 -8.05 34.63
CA LYS A 326 -19.34 -7.20 35.75
C LYS A 326 -18.91 -7.83 37.07
N SER A 327 -19.09 -9.14 37.18
CA SER A 327 -18.71 -9.89 38.39
C SER A 327 -17.20 -9.80 38.69
N LEU A 328 -16.37 -9.84 37.66
CA LEU A 328 -14.93 -9.52 37.79
C LEU A 328 -14.75 -8.02 37.61
N GLY A 329 -13.61 -7.48 38.01
CA GLY A 329 -13.41 -6.03 38.01
C GLY A 329 -12.98 -5.44 36.68
N ASN A 330 -13.78 -5.69 35.62
CA ASN A 330 -13.40 -5.23 34.27
C ASN A 330 -14.58 -5.04 33.30
N VAL A 331 -15.11 -3.82 33.26
CA VAL A 331 -16.26 -3.49 32.43
C VAL A 331 -15.81 -2.78 31.16
N PHE A 332 -16.62 -2.91 30.11
CA PHE A 332 -16.43 -2.17 28.86
C PHE A 332 -17.78 -1.71 28.33
N ASP A 333 -18.15 -0.48 28.68
CA ASP A 333 -19.42 0.10 28.25
C ASP A 333 -19.17 0.93 26.98
N PRO A 334 -19.75 0.52 25.85
CA PRO A 334 -19.51 1.23 24.60
C PRO A 334 -20.13 2.63 24.55
N VAL A 335 -21.33 2.80 25.09
CA VAL A 335 -21.90 4.14 25.21
C VAL A 335 -20.96 5.07 26.02
N GLU A 336 -20.49 4.63 27.17
CA GLU A 336 -19.62 5.47 28.00
C GLU A 336 -18.29 5.79 27.32
N LYS A 337 -17.75 4.82 26.60
CA LYS A 337 -16.52 5.05 25.85
C LYS A 337 -16.79 5.94 24.63
N ALA A 338 -18.00 5.85 24.07
CA ALA A 338 -18.39 6.69 22.94
C ALA A 338 -18.63 8.13 23.39
N GLU A 339 -19.24 8.29 24.56
CA GLU A 339 -19.43 9.61 25.14
C GLU A 339 -18.08 10.24 25.49
N GLU A 340 -17.12 9.41 25.91
CA GLU A 340 -15.79 9.92 26.27
C GLU A 340 -14.95 10.28 25.04
N PHE A 341 -14.92 9.40 24.05
CA PHE A 341 -14.01 9.57 22.90
C PHE A 341 -14.69 9.93 21.57
N GLY A 342 -16.01 9.79 21.50
CA GLY A 342 -16.76 10.02 20.27
C GLY A 342 -17.25 8.72 19.67
N TYR A 343 -18.42 8.80 19.04
CA TYR A 343 -19.09 7.64 18.44
C TYR A 343 -18.35 7.09 17.21
N ASP A 344 -18.17 7.91 16.18
CA ASP A 344 -17.47 7.44 14.99
C ASP A 344 -16.05 6.97 15.31
N ALA A 345 -15.41 7.60 16.28
CA ALA A 345 -14.06 7.21 16.69
C ALA A 345 -14.02 5.83 17.35
N LEU A 346 -14.95 5.58 18.27
CA LEU A 346 -15.08 4.26 18.88
C LEU A 346 -15.42 3.18 17.85
N LYS A 347 -16.28 3.51 16.89
CA LYS A 347 -16.62 2.58 15.84
C LYS A 347 -15.41 2.30 14.97
N TYR A 348 -14.64 3.34 14.68
CA TYR A 348 -13.43 3.18 13.88
C TYR A 348 -12.51 2.21 14.59
N PHE A 349 -12.30 2.44 15.87
CA PHE A 349 -11.39 1.60 16.64
C PHE A 349 -11.82 0.14 16.62
N LEU A 350 -13.07 -0.14 16.98
CA LEU A 350 -13.53 -1.52 17.05
C LEU A 350 -13.40 -2.17 15.68
N LEU A 351 -13.52 -1.38 14.62
CA LEU A 351 -13.43 -1.93 13.27
C LEU A 351 -12.00 -2.01 12.74
N ARG A 352 -11.13 -1.13 13.23
CA ARG A 352 -9.73 -1.11 12.82
C ARG A 352 -8.83 -2.06 13.63
N GLU A 353 -9.12 -2.21 14.92
CA GLU A 353 -8.16 -2.86 15.83
C GLU A 353 -8.05 -4.35 15.60
N SER A 354 -9.15 -5.00 15.26
CA SER A 354 -9.15 -6.44 15.03
C SER A 354 -9.83 -6.80 13.71
N GLY A 355 -9.27 -7.81 13.05
CA GLY A 355 -9.95 -8.47 11.95
C GLY A 355 -10.86 -9.54 12.52
N PHE A 356 -11.66 -10.14 11.65
CA PHE A 356 -12.66 -11.13 12.06
C PHE A 356 -12.01 -12.44 12.49
N SER A 357 -10.78 -12.68 12.05
CA SER A 357 -10.01 -13.83 12.50
C SER A 357 -9.61 -13.74 13.98
N ASP A 358 -9.52 -12.53 14.51
CA ASP A 358 -8.84 -12.30 15.78
C ASP A 358 -9.82 -11.99 16.91
N ASP A 359 -9.39 -12.29 18.13
CA ASP A 359 -10.06 -11.84 19.34
C ASP A 359 -9.41 -10.53 19.74
N GLY A 360 -10.06 -9.43 19.39
CA GLY A 360 -9.52 -8.10 19.57
C GLY A 360 -9.43 -7.66 21.02
N ASP A 361 -8.60 -6.64 21.28
CA ASP A 361 -8.40 -6.11 22.61
C ASP A 361 -8.56 -4.58 22.68
N TYR A 362 -9.44 -4.10 23.57
CA TYR A 362 -9.52 -2.68 23.89
C TYR A 362 -8.60 -2.29 25.07
N SER A 363 -7.92 -1.15 24.93
CA SER A 363 -7.37 -0.41 26.06
C SER A 363 -7.52 1.08 25.78
N ASP A 364 -7.60 1.90 26.82
CA ASP A 364 -7.67 3.34 26.64
C ASP A 364 -6.41 3.87 25.96
N LYS A 365 -5.27 3.25 26.26
CA LYS A 365 -3.99 3.63 25.66
C LYS A 365 -4.06 3.47 24.15
N ASN A 366 -4.48 2.29 23.72
CA ASN A 366 -4.52 1.97 22.29
C ASN A 366 -5.60 2.75 21.57
N MET A 367 -6.73 2.93 22.24
CA MET A 367 -7.82 3.71 21.70
C MET A 367 -7.38 5.13 21.40
N ILE A 368 -6.62 5.73 22.32
CA ILE A 368 -6.13 7.10 22.16
C ILE A 368 -5.06 7.20 21.08
N ALA A 369 -4.18 6.20 21.02
CA ALA A 369 -3.11 6.18 20.02
C ALA A 369 -3.70 6.18 18.61
N ARG A 370 -4.78 5.45 18.41
CA ARG A 370 -5.45 5.40 17.11
C ARG A 370 -6.20 6.70 16.80
N LEU A 371 -6.93 7.21 17.78
CA LEU A 371 -7.62 8.47 17.66
C LEU A 371 -6.63 9.58 17.31
N ASN A 372 -5.58 9.71 18.11
CA ASN A 372 -4.53 10.70 17.84
C ASN A 372 -3.75 10.49 16.55
N GLY A 373 -3.31 9.26 16.32
CA GLY A 373 -2.48 8.93 15.16
C GLY A 373 -3.21 8.96 13.83
N GLU A 374 -4.33 8.24 13.76
CA GLU A 374 -5.03 8.04 12.49
C GLU A 374 -6.12 9.08 12.29
N LEU A 375 -7.05 9.19 13.23
CA LEU A 375 -8.17 10.08 13.03
C LEU A 375 -7.76 11.55 13.05
N ALA A 376 -6.93 11.93 14.01
CA ALA A 376 -6.55 13.33 14.16
C ALA A 376 -5.35 13.73 13.30
N ASP A 377 -4.23 13.02 13.44
CA ASP A 377 -2.99 13.40 12.75
C ASP A 377 -3.00 13.08 11.28
N THR A 378 -3.67 12.00 10.88
CA THR A 378 -3.64 11.61 9.48
C THR A 378 -4.83 12.19 8.71
N LEU A 379 -6.05 11.86 9.12
CA LEU A 379 -7.24 12.40 8.47
C LEU A 379 -7.53 13.88 8.83
N GLY A 380 -7.72 14.18 10.11
CA GLY A 380 -8.11 15.51 10.55
C GLY A 380 -7.14 16.59 10.10
N ASN A 381 -5.87 16.37 10.38
CA ASN A 381 -4.80 17.27 9.94
C ASN A 381 -4.92 17.60 8.46
N LEU A 382 -5.13 16.57 7.65
CA LEU A 382 -5.22 16.72 6.20
C LEU A 382 -6.44 17.51 5.74
N VAL A 383 -7.58 17.26 6.37
CA VAL A 383 -8.79 17.99 6.05
C VAL A 383 -8.63 19.48 6.37
N MET A 384 -7.97 19.78 7.48
CA MET A 384 -7.78 21.19 7.89
C MET A 384 -6.82 21.89 6.94
N ARG A 385 -5.75 21.22 6.56
CA ARG A 385 -4.77 21.81 5.65
C ARG A 385 -5.36 22.25 4.33
N CYS A 386 -6.07 21.36 3.66
CA CYS A 386 -6.61 21.65 2.34
C CYS A 386 -7.82 22.56 2.38
N THR A 387 -8.41 22.78 3.55
CA THR A 387 -9.48 23.77 3.71
C THR A 387 -9.03 25.07 4.36
N SER A 388 -7.81 25.09 4.87
CA SER A 388 -7.26 26.25 5.57
C SER A 388 -7.25 27.49 4.68
N ALA A 389 -7.62 28.64 5.26
CA ALA A 389 -7.58 29.94 4.56
C ALA A 389 -6.17 30.38 4.23
N LYS A 390 -5.22 29.89 5.04
CA LYS A 390 -3.80 30.14 4.84
C LYS A 390 -3.28 29.45 3.56
N ILE A 391 -3.84 28.29 3.23
CA ILE A 391 -3.39 27.51 2.07
C ILE A 391 -4.36 27.67 0.89
N ASN A 392 -5.64 27.48 1.19
CA ASN A 392 -6.71 27.61 0.21
C ASN A 392 -7.26 29.03 0.30
N VAL A 393 -6.53 29.98 -0.27
CA VAL A 393 -6.83 31.41 -0.06
C VAL A 393 -8.21 31.84 -0.57
N ASN A 394 -8.68 31.26 -1.68
CA ASN A 394 -9.98 31.62 -2.25
C ASN A 394 -11.17 30.80 -1.74
N GLY A 395 -10.92 29.84 -0.86
CA GLY A 395 -11.99 29.01 -0.28
C GLY A 395 -12.75 28.22 -1.33
N GLU A 396 -12.02 27.57 -2.24
CA GLU A 396 -12.64 26.86 -3.35
C GLU A 396 -11.79 25.68 -3.82
N TRP A 397 -12.35 24.89 -4.72
CA TRP A 397 -11.65 23.81 -5.38
C TRP A 397 -10.98 24.41 -6.60
N PRO A 398 -9.64 24.52 -6.59
CA PRO A 398 -9.03 25.18 -7.72
C PRO A 398 -9.00 24.30 -8.96
N SER A 399 -8.70 24.92 -10.09
CA SER A 399 -8.52 24.22 -11.34
C SER A 399 -7.07 23.76 -11.44
N PRO A 400 -6.83 22.45 -11.66
CA PRO A 400 -5.44 22.00 -11.72
C PRO A 400 -4.70 22.43 -12.99
N ALA A 401 -3.42 22.76 -12.84
CA ALA A 401 -2.51 22.89 -13.97
C ALA A 401 -1.93 21.51 -14.29
N ALA A 402 -0.93 21.45 -15.16
CA ALA A 402 -0.36 20.15 -15.59
C ALA A 402 0.23 19.37 -14.41
N TYR A 403 0.09 18.06 -14.50
CA TYR A 403 0.52 17.12 -13.48
C TYR A 403 1.97 16.64 -13.72
N THR A 404 2.75 16.60 -12.65
CA THR A 404 4.06 15.97 -12.68
C THR A 404 3.87 14.49 -12.46
N GLU A 405 4.94 13.73 -12.63
CA GLU A 405 4.87 12.28 -12.39
C GLU A 405 4.52 11.96 -10.94
N GLU A 406 5.02 12.76 -10.01
CA GLU A 406 4.71 12.59 -8.62
C GLU A 406 3.20 12.77 -8.36
N ASP A 407 2.64 13.84 -8.94
CA ASP A 407 1.21 14.09 -8.90
C ASP A 407 0.45 12.88 -9.37
N GLU A 408 0.87 12.34 -10.52
CA GLU A 408 0.18 11.19 -11.11
C GLU A 408 0.30 9.94 -10.27
N SER A 409 1.46 9.73 -9.64
CA SER A 409 1.61 8.55 -8.81
C SER A 409 0.55 8.59 -7.71
N LEU A 410 0.29 9.78 -7.16
CA LEU A 410 -0.73 9.91 -6.12
C LEU A 410 -2.15 9.79 -6.70
N ILE A 411 -2.37 10.41 -7.85
CA ILE A 411 -3.66 10.31 -8.52
C ILE A 411 -4.01 8.84 -8.78
N GLN A 412 -3.03 8.08 -9.24
CA GLN A 412 -3.23 6.66 -9.51
C GLN A 412 -3.70 5.92 -8.25
N LEU A 413 -3.09 6.25 -7.11
CA LEU A 413 -3.49 5.61 -5.85
C LEU A 413 -4.94 5.91 -5.52
N ILE A 414 -5.36 7.14 -5.76
CA ILE A 414 -6.74 7.53 -5.49
C ILE A 414 -7.72 6.89 -6.48
N LYS A 415 -7.30 6.75 -7.73
CA LYS A 415 -8.13 6.08 -8.75
C LYS A 415 -8.29 4.58 -8.46
N ASP A 416 -7.26 3.96 -7.95
CA ASP A 416 -7.30 2.53 -7.65
C ASP A 416 -8.02 2.23 -6.33
N LEU A 417 -8.13 3.21 -5.46
CA LEU A 417 -8.63 2.95 -4.12
C LEU A 417 -10.06 2.38 -4.09
N PRO A 418 -10.99 2.94 -4.87
CA PRO A 418 -12.34 2.41 -4.77
C PRO A 418 -12.46 0.92 -5.09
N GLY A 419 -11.90 0.49 -6.23
CA GLY A 419 -11.92 -0.92 -6.59
C GLY A 419 -11.40 -1.83 -5.48
N THR A 420 -10.33 -1.39 -4.84
CA THR A 420 -9.67 -2.18 -3.82
C THR A 420 -10.49 -2.22 -2.54
N ALA A 421 -10.97 -1.05 -2.12
CA ALA A 421 -11.86 -0.95 -0.95
C ALA A 421 -13.16 -1.70 -1.16
N ASP A 422 -13.72 -1.61 -2.37
CA ASP A 422 -14.93 -2.37 -2.76
C ASP A 422 -14.76 -3.84 -2.53
N HIS A 423 -13.68 -4.41 -3.07
CA HIS A 423 -13.44 -5.83 -2.89
C HIS A 423 -13.40 -6.19 -1.40
N TYR A 424 -12.69 -5.40 -0.60
CA TYR A 424 -12.56 -5.71 0.82
C TYR A 424 -13.92 -5.65 1.52
N TYR A 425 -14.71 -4.62 1.26
CA TYR A 425 -16.06 -4.54 1.82
C TYR A 425 -16.95 -5.72 1.45
N LEU A 426 -16.73 -6.31 0.28
CA LEU A 426 -17.57 -7.40 -0.22
C LEU A 426 -17.14 -8.77 0.27
N ILE A 427 -15.97 -8.89 0.88
CA ILE A 427 -15.54 -10.20 1.35
C ILE A 427 -16.50 -10.77 2.41
N PRO A 428 -16.81 -10.02 3.48
CA PRO A 428 -16.31 -8.72 3.91
C PRO A 428 -15.12 -8.82 4.86
N ASP A 429 -14.26 -7.82 4.78
CA ASP A 429 -13.12 -7.66 5.66
C ASP A 429 -13.00 -6.16 5.82
N ILE A 430 -13.73 -5.65 6.80
CA ILE A 430 -13.82 -4.21 7.02
C ILE A 430 -12.49 -3.63 7.50
N GLN A 431 -11.73 -4.40 8.29
CA GLN A 431 -10.42 -3.97 8.69
C GLN A 431 -9.50 -3.65 7.50
N LYS A 432 -9.47 -4.54 6.51
CA LYS A 432 -8.59 -4.33 5.35
C LYS A 432 -9.02 -3.13 4.53
N ALA A 433 -10.33 -2.95 4.38
CA ALA A 433 -10.87 -1.79 3.71
C ALA A 433 -10.39 -0.51 4.37
N ILE A 434 -10.42 -0.47 5.70
CA ILE A 434 -10.01 0.74 6.42
C ILE A 434 -8.51 0.97 6.24
N ILE A 435 -7.74 -0.08 6.42
CA ILE A 435 -6.31 -0.01 6.19
C ILE A 435 -6.01 0.51 4.79
N ALA A 436 -6.69 0.02 3.77
CA ALA A 436 -6.45 0.50 2.39
C ALA A 436 -6.73 1.98 2.24
N VAL A 437 -7.80 2.47 2.87
CA VAL A 437 -8.11 3.89 2.77
C VAL A 437 -7.01 4.71 3.43
N PHE A 438 -6.61 4.31 4.63
CA PHE A 438 -5.60 5.07 5.36
C PHE A 438 -4.21 4.95 4.73
N ASP A 439 -3.95 3.88 3.99
CA ASP A 439 -2.69 3.81 3.21
C ASP A 439 -2.68 4.97 2.23
N VAL A 440 -3.84 5.27 1.65
CA VAL A 440 -3.95 6.37 0.69
C VAL A 440 -3.93 7.73 1.38
N LEU A 441 -4.54 7.82 2.56
CA LEU A 441 -4.44 9.06 3.35
C LEU A 441 -2.99 9.37 3.73
N ARG A 442 -2.24 8.34 4.14
CA ARG A 442 -0.84 8.55 4.49
C ARG A 442 -0.04 9.07 3.29
N ALA A 443 -0.31 8.51 2.12
CA ALA A 443 0.38 8.95 0.91
C ALA A 443 0.05 10.42 0.58
N ILE A 444 -1.20 10.81 0.78
CA ILE A 444 -1.59 12.18 0.50
C ILE A 444 -0.89 13.10 1.44
N ASN A 445 -0.75 12.69 2.70
CA ASN A 445 -0.02 13.49 3.68
C ASN A 445 1.43 13.66 3.27
N ALA A 446 2.08 12.57 2.88
CA ALA A 446 3.50 12.66 2.51
C ALA A 446 3.71 13.51 1.24
N TYR A 447 2.75 13.48 0.32
CA TYR A 447 2.74 14.36 -0.85
C TYR A 447 2.67 15.84 -0.42
N VAL A 448 1.76 16.14 0.49
CA VAL A 448 1.56 17.52 0.95
C VAL A 448 2.82 18.03 1.63
N THR A 449 3.41 17.19 2.48
CA THR A 449 4.67 17.54 3.14
C THR A 449 5.78 17.76 2.12
N ASP A 450 5.83 16.92 1.10
CA ASP A 450 6.81 17.02 0.05
C ASP A 450 6.63 18.33 -0.72
N MET A 451 5.37 18.66 -1.04
CA MET A 451 5.06 19.86 -1.81
C MET A 451 5.00 21.16 -1.01
N ALA A 452 4.85 21.07 0.31
CA ALA A 452 4.87 22.26 1.17
C ALA A 452 4.04 23.42 0.61
N PRO A 453 2.73 23.18 0.39
CA PRO A 453 1.87 24.17 -0.26
C PRO A 453 1.81 25.52 0.45
N TRP A 454 2.11 25.55 1.74
CA TRP A 454 2.19 26.82 2.47
C TRP A 454 3.26 27.75 1.86
N LYS A 455 4.41 27.19 1.50
CA LYS A 455 5.42 27.94 0.78
C LYS A 455 4.96 28.32 -0.64
N LEU A 456 4.20 27.45 -1.30
CA LEU A 456 3.74 27.72 -2.67
C LEU A 456 2.77 28.91 -2.80
N VAL A 457 2.10 29.29 -1.70
CA VAL A 457 1.15 30.41 -1.73
C VAL A 457 1.81 31.68 -2.25
N LYS A 458 3.02 31.95 -1.76
CA LYS A 458 3.82 33.11 -2.19
C LYS A 458 4.62 32.81 -3.46
N THR A 459 5.05 31.56 -3.59
CA THR A 459 6.11 31.17 -4.53
C THR A 459 5.65 30.70 -5.93
N ASP A 460 4.58 29.92 -5.97
CA ASP A 460 4.10 29.35 -7.23
C ASP A 460 2.61 29.05 -7.10
N PRO A 461 1.75 30.08 -7.22
CA PRO A 461 0.32 29.84 -7.04
C PRO A 461 -0.25 28.90 -8.09
N GLU A 462 0.32 28.88 -9.29
CA GLU A 462 -0.11 27.93 -10.31
C GLU A 462 0.12 26.50 -9.84
N ARG A 463 1.30 26.23 -9.30
CA ARG A 463 1.61 24.90 -8.78
C ARG A 463 0.69 24.54 -7.59
N LEU A 464 0.43 25.52 -6.74
CA LEU A 464 -0.46 25.34 -5.60
C LEU A 464 -1.84 24.89 -6.04
N ARG A 465 -2.32 25.37 -7.17
CA ARG A 465 -3.64 24.96 -7.68
C ARG A 465 -3.71 23.44 -7.82
N THR A 466 -2.67 22.88 -8.41
CA THR A 466 -2.58 21.45 -8.70
C THR A 466 -2.49 20.62 -7.40
N VAL A 467 -1.51 20.96 -6.56
CA VAL A 467 -1.30 20.29 -5.28
C VAL A 467 -2.59 20.32 -4.46
N LEU A 468 -3.16 21.51 -4.33
CA LEU A 468 -4.38 21.69 -3.56
C LEU A 468 -5.57 20.90 -4.13
N TYR A 469 -5.73 20.90 -5.44
CA TYR A 469 -6.80 20.14 -6.08
C TYR A 469 -6.67 18.64 -5.82
N ILE A 470 -5.50 18.07 -6.11
CA ILE A 470 -5.27 16.65 -5.89
C ILE A 470 -5.56 16.28 -4.44
N THR A 471 -5.15 17.16 -3.53
CA THR A 471 -5.34 16.95 -2.10
C THR A 471 -6.82 16.93 -1.73
N LEU A 472 -7.57 17.90 -2.24
CA LEU A 472 -9.01 17.96 -1.98
C LEU A 472 -9.71 16.68 -2.46
N GLU A 473 -9.36 16.25 -3.66
CA GLU A 473 -10.01 15.10 -4.25
C GLU A 473 -9.62 13.79 -3.55
N GLY A 474 -8.36 13.69 -3.12
CA GLY A 474 -7.93 12.56 -2.31
C GLY A 474 -8.71 12.49 -1.00
N VAL A 475 -8.87 13.64 -0.36
CA VAL A 475 -9.66 13.69 0.87
C VAL A 475 -11.11 13.28 0.62
N ARG A 476 -11.67 13.73 -0.49
CA ARG A 476 -13.08 13.46 -0.79
C ARG A 476 -13.33 11.98 -1.03
N VAL A 477 -12.48 11.35 -1.84
CA VAL A 477 -12.62 9.95 -2.15
C VAL A 477 -12.38 9.07 -0.90
N THR A 478 -11.29 9.31 -0.21
CA THR A 478 -10.99 8.54 1.01
C THR A 478 -12.16 8.64 1.98
N THR A 479 -12.64 9.86 2.20
CA THR A 479 -13.81 10.12 3.06
C THR A 479 -15.07 9.42 2.58
N LEU A 480 -15.31 9.41 1.28
CA LEU A 480 -16.50 8.72 0.77
C LEU A 480 -16.44 7.25 1.16
N LEU A 481 -15.29 6.62 0.97
CA LEU A 481 -15.14 5.19 1.28
C LEU A 481 -15.13 4.91 2.77
N LEU A 482 -14.74 5.86 3.58
CA LEU A 482 -14.79 5.70 5.03
C LEU A 482 -16.16 6.05 5.61
N SER A 483 -17.09 6.51 4.77
CA SER A 483 -18.32 7.05 5.29
C SER A 483 -19.18 6.00 5.98
N PRO A 484 -19.09 4.72 5.57
CA PRO A 484 -19.79 3.71 6.34
C PRO A 484 -19.23 3.51 7.75
N ILE A 485 -17.94 3.83 7.93
CA ILE A 485 -17.22 3.68 9.19
C ILE A 485 -17.40 4.92 10.08
N LEU A 486 -17.40 6.09 9.45
CA LEU A 486 -17.47 7.37 10.15
C LEU A 486 -18.65 8.17 9.60
N PRO A 487 -19.86 7.68 9.83
CA PRO A 487 -21.04 8.26 9.22
C PRO A 487 -21.28 9.73 9.55
N ARG A 488 -21.11 10.12 10.81
CA ARG A 488 -21.32 11.51 11.19
C ARG A 488 -20.18 12.41 10.75
N LYS A 489 -18.95 11.96 10.97
CA LYS A 489 -17.77 12.78 10.66
C LYS A 489 -17.54 12.98 9.18
N SER A 490 -17.98 12.03 8.36
CA SER A 490 -17.81 12.16 6.93
C SER A 490 -18.71 13.30 6.42
N VAL A 491 -19.90 13.43 7.02
CA VAL A 491 -20.78 14.55 6.69
C VAL A 491 -20.10 15.88 7.02
N VAL A 492 -19.51 15.99 8.20
CA VAL A 492 -18.82 17.20 8.57
C VAL A 492 -17.74 17.51 7.55
N ILE A 493 -16.95 16.49 7.20
CA ILE A 493 -15.90 16.65 6.22
C ILE A 493 -16.45 17.14 4.88
N PHE A 494 -17.49 16.51 4.39
CA PHE A 494 -18.05 16.90 3.11
C PHE A 494 -18.55 18.35 3.15
N ASP A 495 -19.10 18.77 4.29
CA ASP A 495 -19.56 20.16 4.47
C ASP A 495 -18.40 21.12 4.41
N MET A 496 -17.32 20.80 5.13
CA MET A 496 -16.13 21.62 5.12
C MET A 496 -15.57 21.75 3.71
N LEU A 497 -15.57 20.65 2.97
CA LEU A 497 -15.12 20.64 1.58
C LEU A 497 -16.12 21.27 0.62
N GLY A 498 -17.36 21.42 1.08
CA GLY A 498 -18.43 21.94 0.23
C GLY A 498 -18.86 20.99 -0.87
N VAL A 499 -18.79 19.69 -0.61
CA VAL A 499 -19.23 18.70 -1.60
C VAL A 499 -20.75 18.69 -1.68
N PRO A 500 -21.33 18.96 -2.86
CA PRO A 500 -22.80 18.89 -3.00
C PRO A 500 -23.36 17.54 -2.58
N GLU A 501 -24.57 17.53 -2.02
CA GLU A 501 -25.22 16.29 -1.58
C GLU A 501 -25.17 15.16 -2.62
N VAL A 502 -25.43 15.50 -3.87
CA VAL A 502 -25.48 14.50 -4.93
C VAL A 502 -24.18 13.71 -5.06
N HIS A 503 -23.05 14.35 -4.78
CA HIS A 503 -21.74 13.71 -4.93
C HIS A 503 -21.27 12.96 -3.67
N ARG A 504 -22.14 12.82 -2.69
CA ARG A 504 -21.81 12.11 -1.44
C ARG A 504 -22.19 10.62 -1.43
N LYS A 505 -22.82 10.13 -2.49
CA LYS A 505 -23.05 8.70 -2.65
C LYS A 505 -23.05 8.33 -4.14
N GLY A 506 -23.16 7.04 -4.42
CA GLY A 506 -23.23 6.56 -5.79
C GLY A 506 -21.86 6.24 -6.36
N ILE A 507 -21.75 5.13 -7.11
CA ILE A 507 -20.47 4.73 -7.72
C ILE A 507 -19.94 5.74 -8.72
N GLU A 508 -20.82 6.59 -9.25
CA GLU A 508 -20.38 7.66 -10.12
C GLU A 508 -19.33 8.51 -9.42
N ASN A 509 -19.54 8.75 -8.12
CA ASN A 509 -18.67 9.63 -7.37
C ASN A 509 -17.45 8.93 -6.72
N PHE A 510 -17.27 7.65 -7.04
CA PHE A 510 -16.00 6.97 -6.78
C PHE A 510 -14.93 7.46 -7.76
N GLU A 511 -15.34 8.02 -8.90
CA GLU A 511 -14.41 8.47 -9.93
C GLU A 511 -13.64 9.71 -9.48
N PHE A 512 -12.34 9.70 -9.77
CA PHE A 512 -11.50 10.85 -9.56
C PHE A 512 -12.01 11.96 -10.44
N GLY A 513 -12.21 13.14 -9.85
CA GLY A 513 -12.69 14.30 -10.58
C GLY A 513 -14.18 14.56 -10.61
N ALA A 514 -14.96 13.90 -9.74
CA ALA A 514 -16.42 14.09 -9.74
C ALA A 514 -16.89 15.49 -9.31
N VAL A 515 -16.09 16.16 -8.49
CA VAL A 515 -16.44 17.51 -7.99
C VAL A 515 -15.64 18.55 -8.76
N PRO A 516 -16.36 19.45 -9.46
CA PRO A 516 -15.68 20.36 -10.38
C PRO A 516 -14.88 21.49 -9.72
N PRO A 517 -13.83 21.97 -10.40
CA PRO A 517 -13.14 23.15 -9.92
C PRO A 517 -14.09 24.34 -9.88
N GLY A 518 -13.91 25.23 -8.90
CA GLY A 518 -14.85 26.33 -8.69
C GLY A 518 -15.88 26.05 -7.61
N THR A 519 -16.11 24.79 -7.27
CA THR A 519 -16.97 24.43 -6.14
C THR A 519 -16.44 25.15 -4.91
N ARG A 520 -17.34 25.75 -4.14
CA ARG A 520 -16.94 26.56 -2.99
C ARG A 520 -16.88 25.73 -1.74
N LEU A 521 -15.87 25.99 -0.90
CA LEU A 521 -15.77 25.33 0.40
C LEU A 521 -16.91 25.77 1.31
N GLY A 522 -17.26 24.93 2.27
CA GLY A 522 -18.28 25.28 3.24
C GLY A 522 -17.74 26.31 4.20
N PRO A 523 -18.63 26.99 4.94
CA PRO A 523 -18.13 28.06 5.82
C PRO A 523 -17.21 27.52 6.91
N ALA A 524 -16.17 28.28 7.24
CA ALA A 524 -15.27 27.95 8.33
C ALA A 524 -15.91 28.45 9.62
N VAL A 525 -15.79 27.67 10.69
CA VAL A 525 -16.38 28.02 11.98
C VAL A 525 -15.28 28.37 12.99
N GLU A 526 -15.61 29.30 13.91
CA GLU A 526 -14.64 29.94 14.83
C GLU A 526 -13.54 29.02 15.40
N GLY A 527 -13.94 27.94 16.07
CA GLY A 527 -12.98 27.05 16.73
C GLY A 527 -13.09 25.57 16.38
N GLU A 528 -13.79 25.26 15.29
CA GLU A 528 -14.09 23.85 14.95
C GLU A 528 -12.82 23.04 14.71
N VAL A 529 -12.80 21.85 15.27
CA VAL A 529 -11.74 20.89 15.02
C VAL A 529 -12.41 19.52 14.86
N LEU A 530 -11.93 18.75 13.90
CA LEU A 530 -12.63 17.55 13.44
C LEU A 530 -12.54 16.39 14.44
N PHE A 531 -11.31 16.01 14.78
CA PHE A 531 -11.05 15.05 15.85
C PHE A 531 -10.13 15.73 16.85
N SER A 532 -10.58 15.84 18.09
CA SER A 532 -9.84 16.53 19.14
C SER A 532 -8.90 15.55 19.82
N LYS A 533 -7.60 15.80 19.72
CA LYS A 533 -6.60 14.94 20.35
C LYS A 533 -6.82 14.79 21.84
N ARG A 534 -6.35 13.68 22.40
CA ARG A 534 -6.50 13.41 23.84
C ARG A 534 -5.18 13.00 24.49
N SER A 535 -4.99 13.44 25.73
CA SER A 535 -3.72 13.31 26.43
C SER A 535 -3.36 11.87 26.77
N THR A 536 -2.07 11.62 26.98
CA THR A 536 -1.54 10.29 27.27
C THR A 536 -0.78 10.30 28.60
N GLY B 1 -4.78 0.72 -12.58
CA GLY B 1 -4.89 1.38 -13.91
C GLY B 1 -3.61 1.19 -14.71
N PRO B 2 -3.63 1.59 -15.98
CA PRO B 2 -2.44 1.47 -16.80
C PRO B 2 -1.35 2.46 -16.42
N GLY B 3 -0.12 2.09 -16.67
CA GLY B 3 0.99 3.02 -16.52
C GLY B 3 1.16 3.85 -17.77
N SER B 4 2.27 4.56 -17.84
CA SER B 4 2.57 5.37 -19.01
C SER B 4 2.96 4.48 -20.19
N MET B 5 2.61 4.98 -21.36
CA MET B 5 2.96 4.39 -22.64
C MET B 5 4.48 4.38 -22.80
N LYS B 6 4.98 3.51 -23.66
CA LYS B 6 6.41 3.53 -23.99
C LYS B 6 6.75 4.84 -24.66
N VAL B 7 7.95 5.34 -24.42
CA VAL B 7 8.43 6.50 -25.17
C VAL B 7 8.71 6.06 -26.61
N GLU B 8 8.64 7.02 -27.53
CA GLU B 8 9.03 6.80 -28.93
C GLU B 8 10.55 6.82 -29.17
N LYS B 9 11.24 7.71 -28.46
CA LYS B 9 12.68 7.86 -28.64
C LYS B 9 13.44 6.73 -27.95
N VAL B 10 14.76 6.82 -27.96
CA VAL B 10 15.59 5.94 -27.15
C VAL B 10 15.69 6.58 -25.78
N PHE B 11 15.34 5.82 -24.75
CA PHE B 11 15.35 6.32 -23.39
C PHE B 11 16.82 6.51 -22.97
N PHE B 12 17.16 7.75 -22.64
CA PHE B 12 18.54 8.14 -22.43
C PHE B 12 18.71 8.49 -20.95
N VAL B 13 19.46 7.64 -20.26
CA VAL B 13 19.73 7.81 -18.84
C VAL B 13 21.23 7.86 -18.60
N THR B 14 21.66 8.78 -17.74
CA THR B 14 23.08 9.01 -17.51
C THR B 14 23.45 8.96 -16.04
N SER B 15 24.73 8.77 -15.77
CA SER B 15 25.29 9.02 -14.45
C SER B 15 26.22 10.21 -14.59
N PRO B 16 26.77 10.72 -13.49
CA PRO B 16 27.82 11.69 -13.72
C PRO B 16 29.02 10.98 -14.28
N ILE B 17 29.98 11.73 -14.80
CA ILE B 17 31.28 11.17 -15.08
C ILE B 17 32.18 11.50 -13.88
N TYR B 18 33.03 10.53 -13.56
CA TYR B 18 33.70 10.49 -12.27
C TYR B 18 35.17 10.88 -12.38
N TYR B 19 35.66 11.63 -11.39
CA TYR B 19 37.00 12.21 -11.49
C TYR B 19 38.07 11.19 -11.12
N VAL B 20 39.10 11.10 -11.97
CA VAL B 20 40.11 10.04 -11.86
C VAL B 20 41.28 10.32 -10.91
N ASN B 21 41.16 11.31 -10.03
CA ASN B 21 42.10 11.49 -8.93
C ASN B 21 41.72 10.65 -7.71
N ALA B 22 40.75 9.76 -7.87
CA ALA B 22 40.34 8.85 -6.80
C ALA B 22 39.95 7.53 -7.41
N ALA B 23 40.21 6.46 -6.66
CA ALA B 23 39.74 5.13 -7.03
C ALA B 23 38.22 5.11 -6.88
N PRO B 24 37.55 4.17 -7.57
CA PRO B 24 36.11 4.10 -7.42
C PRO B 24 35.68 3.74 -5.99
N HIS B 25 34.70 4.45 -5.44
CA HIS B 25 34.18 4.21 -4.10
C HIS B 25 32.65 4.12 -4.14
N ILE B 26 32.01 4.06 -2.98
CA ILE B 26 30.55 3.86 -2.86
C ILE B 26 29.70 4.92 -3.58
N GLY B 27 30.05 6.20 -3.45
CA GLY B 27 29.38 7.28 -4.17
C GLY B 27 29.21 7.02 -5.68
N HIS B 28 30.30 6.65 -6.35
CA HIS B 28 30.27 6.37 -7.79
C HIS B 28 29.43 5.13 -8.09
N VAL B 29 29.61 4.10 -7.28
CA VAL B 29 28.92 2.84 -7.44
C VAL B 29 27.43 3.05 -7.24
N TYR B 30 27.09 3.88 -6.25
CA TYR B 30 25.70 4.18 -5.95
C TYR B 30 25.00 4.93 -7.10
N SER B 31 25.65 5.98 -7.62
CA SER B 31 25.06 6.77 -8.72
C SER B 31 24.85 5.92 -9.95
N THR B 32 25.86 5.13 -10.30
CA THR B 32 25.78 4.27 -11.47
C THR B 32 24.74 3.15 -11.30
N LEU B 33 24.56 2.66 -10.07
CA LEU B 33 23.50 1.68 -9.78
C LEU B 33 22.10 2.23 -10.10
N ILE B 34 21.86 3.49 -9.74
CA ILE B 34 20.55 4.10 -9.96
C ILE B 34 20.34 4.27 -11.46
N THR B 35 21.38 4.75 -12.13
CA THR B 35 21.40 4.83 -13.58
C THR B 35 21.07 3.46 -14.17
N ASP B 36 21.68 2.42 -13.63
CA ASP B 36 21.56 1.07 -14.20
C ASP B 36 20.14 0.58 -14.08
N VAL B 37 19.56 0.79 -12.90
CA VAL B 37 18.20 0.36 -12.59
C VAL B 37 17.18 1.03 -13.50
N ILE B 38 17.28 2.35 -13.62
CA ILE B 38 16.36 3.08 -14.46
C ILE B 38 16.47 2.52 -15.86
N GLY B 39 17.70 2.33 -16.33
CA GLY B 39 17.93 1.75 -17.64
C GLY B 39 17.28 0.39 -17.76
N ARG B 40 17.51 -0.45 -16.76
CA ARG B 40 16.96 -1.79 -16.76
C ARG B 40 15.44 -1.77 -16.78
N TYR B 41 14.81 -0.84 -16.04
CA TYR B 41 13.36 -0.82 -15.99
C TYR B 41 12.78 -0.54 -17.37
N HIS B 42 13.39 0.39 -18.08
CA HIS B 42 12.88 0.76 -19.37
C HIS B 42 13.14 -0.31 -20.43
N ARG B 43 14.24 -1.05 -20.32
CA ARG B 43 14.48 -2.22 -21.19
C ARG B 43 13.44 -3.31 -20.93
N VAL B 44 13.11 -3.57 -19.67
CA VAL B 44 12.09 -4.55 -19.33
C VAL B 44 10.70 -4.07 -19.77
N LYS B 45 10.47 -2.75 -19.72
CA LYS B 45 9.22 -2.18 -20.23
C LYS B 45 9.13 -2.35 -21.75
N GLY B 46 10.28 -2.56 -22.38
CA GLY B 46 10.33 -2.87 -23.80
C GLY B 46 10.66 -1.68 -24.68
N GLU B 47 11.35 -0.70 -24.10
CA GLU B 47 11.83 0.47 -24.83
C GLU B 47 13.26 0.27 -25.27
N ARG B 48 13.67 0.99 -26.30
CA ARG B 48 15.07 1.13 -26.62
C ARG B 48 15.71 2.05 -25.58
N VAL B 49 16.90 1.67 -25.10
CA VAL B 49 17.58 2.36 -24.00
C VAL B 49 19.06 2.58 -24.28
N PHE B 50 19.55 3.75 -23.88
CA PHE B 50 20.97 4.03 -23.87
C PHE B 50 21.36 4.58 -22.49
N ALA B 51 22.10 3.77 -21.72
CA ALA B 51 22.61 4.17 -20.41
C ALA B 51 24.10 4.52 -20.50
N LEU B 52 24.47 5.64 -19.91
CA LEU B 52 25.81 6.22 -20.07
C LEU B 52 26.43 6.49 -18.71
N THR B 53 27.73 6.26 -18.64
CA THR B 53 28.53 6.56 -17.45
C THR B 53 29.92 6.83 -17.98
N GLY B 54 30.84 7.23 -17.11
CA GLY B 54 32.21 7.45 -17.57
C GLY B 54 33.11 8.25 -16.65
N THR B 55 34.21 8.73 -17.21
CA THR B 55 35.26 9.39 -16.42
C THR B 55 35.65 10.76 -16.94
N ASP B 56 35.88 11.64 -15.96
CA ASP B 56 36.27 13.03 -16.14
C ASP B 56 37.78 13.02 -15.93
N GLU B 57 38.55 13.32 -16.97
CA GLU B 57 39.98 12.99 -16.96
C GLU B 57 40.99 14.15 -17.06
N HIS B 58 40.51 15.36 -17.32
CA HIS B 58 41.40 16.51 -17.47
C HIS B 58 41.57 17.29 -16.17
N GLY B 59 42.47 18.27 -16.20
CA GLY B 59 42.59 19.23 -15.14
C GLY B 59 43.88 19.10 -14.37
N GLN B 60 44.19 20.13 -13.58
CA GLN B 60 45.44 20.18 -12.88
C GLN B 60 45.63 19.04 -11.88
N LYS B 61 44.56 18.58 -11.26
CA LYS B 61 44.68 17.58 -10.17
C LYS B 61 45.01 16.17 -10.66
N VAL B 62 44.55 15.84 -11.87
CA VAL B 62 44.90 14.60 -12.54
C VAL B 62 46.37 14.66 -12.94
N ALA B 63 46.80 15.76 -13.54
CA ALA B 63 48.20 15.94 -13.91
C ALA B 63 49.08 15.83 -12.68
N GLU B 64 48.74 16.59 -11.64
CA GLU B 64 49.51 16.55 -10.39
C GLU B 64 49.58 15.14 -9.81
N ALA B 65 48.48 14.39 -9.89
CA ALA B 65 48.44 13.02 -9.36
C ALA B 65 49.34 12.08 -10.16
N ALA B 66 49.31 12.23 -11.48
CA ALA B 66 50.18 11.46 -12.38
C ALA B 66 51.67 11.75 -12.14
N LYS B 67 51.99 13.01 -11.89
CA LYS B 67 53.36 13.43 -11.62
C LYS B 67 53.90 12.75 -10.35
N GLN B 68 53.08 12.66 -9.31
CA GLN B 68 53.50 12.03 -8.06
C GLN B 68 53.70 10.53 -8.24
N LYS B 69 52.86 9.91 -9.08
CA LYS B 69 53.05 8.50 -9.45
C LYS B 69 54.20 8.30 -10.45
N GLN B 70 54.69 9.40 -11.01
CA GLN B 70 55.79 9.38 -11.96
C GLN B 70 55.43 8.64 -13.25
N VAL B 71 54.21 8.84 -13.71
CA VAL B 71 53.72 8.29 -14.96
C VAL B 71 53.16 9.43 -15.80
N SER B 72 52.96 9.21 -17.10
CA SER B 72 52.33 10.24 -17.93
C SER B 72 50.84 10.37 -17.57
N PRO B 73 50.26 11.56 -17.76
CA PRO B 73 48.83 11.69 -17.51
C PRO B 73 48.00 10.80 -18.45
N TYR B 74 48.51 10.52 -19.64
CA TYR B 74 47.86 9.59 -20.56
C TYR B 74 47.71 8.20 -19.94
N ASP B 75 48.79 7.71 -19.34
CA ASP B 75 48.82 6.40 -18.70
C ASP B 75 48.06 6.35 -17.39
N PHE B 76 48.21 7.38 -16.57
CA PHE B 76 47.52 7.49 -15.31
C PHE B 76 46.00 7.41 -15.54
N THR B 77 45.52 8.22 -16.48
CA THR B 77 44.09 8.27 -16.76
C THR B 77 43.56 6.98 -17.35
N THR B 78 44.34 6.36 -18.23
CA THR B 78 43.93 5.10 -18.84
C THR B 78 43.79 4.04 -17.77
N ALA B 79 44.78 3.96 -16.89
CA ALA B 79 44.76 3.00 -15.79
C ALA B 79 43.55 3.20 -14.87
N VAL B 80 43.30 4.44 -14.46
CA VAL B 80 42.23 4.71 -13.52
C VAL B 80 40.86 4.47 -14.21
N ALA B 81 40.72 4.88 -15.46
CA ALA B 81 39.51 4.55 -16.20
C ALA B 81 39.30 3.02 -16.20
N GLY B 82 40.38 2.26 -16.36
CA GLY B 82 40.34 0.80 -16.22
C GLY B 82 39.79 0.33 -14.88
N GLU B 83 40.22 0.96 -13.79
CA GLU B 83 39.70 0.63 -12.45
C GLU B 83 38.18 0.81 -12.39
N PHE B 84 37.67 1.88 -13.00
CA PHE B 84 36.23 2.18 -13.00
C PHE B 84 35.45 1.19 -13.86
N LYS B 85 35.98 0.87 -15.04
CA LYS B 85 35.34 -0.11 -15.93
C LYS B 85 35.20 -1.44 -15.24
N LYS B 86 36.30 -1.89 -14.60
CA LYS B 86 36.33 -3.14 -13.86
C LYS B 86 35.33 -3.15 -12.70
N CYS B 87 35.31 -2.07 -11.93
CA CYS B 87 34.40 -1.98 -10.79
C CYS B 87 32.94 -2.20 -11.24
N PHE B 88 32.58 -1.57 -12.35
CA PHE B 88 31.22 -1.65 -12.86
C PHE B 88 30.91 -2.99 -13.48
N GLU B 89 31.93 -3.63 -14.05
CA GLU B 89 31.80 -5.03 -14.48
C GLU B 89 31.55 -5.93 -13.28
N GLN B 90 32.35 -5.77 -12.22
CA GLN B 90 32.20 -6.57 -11.01
C GLN B 90 30.85 -6.36 -10.36
N MET B 91 30.42 -5.11 -10.30
CA MET B 91 29.11 -4.77 -9.77
C MET B 91 27.97 -5.31 -10.63
N ASP B 92 28.27 -5.72 -11.86
CA ASP B 92 27.30 -6.35 -12.76
C ASP B 92 26.24 -5.38 -13.26
N TYR B 93 26.70 -4.19 -13.63
CA TYR B 93 25.84 -3.20 -14.25
C TYR B 93 25.66 -3.55 -15.72
N SER B 94 24.72 -2.90 -16.38
CA SER B 94 24.52 -3.09 -17.80
C SER B 94 24.44 -1.72 -18.46
N ILE B 95 25.52 -0.96 -18.33
CA ILE B 95 25.63 0.37 -18.89
C ILE B 95 26.08 0.20 -20.33
N ASP B 96 25.39 0.87 -21.24
CA ASP B 96 25.62 0.68 -22.68
C ASP B 96 26.94 1.30 -23.21
N TYR B 97 27.35 2.44 -22.66
CA TYR B 97 28.62 3.04 -23.07
C TYR B 97 29.35 3.68 -21.90
N PHE B 98 30.67 3.55 -21.92
CA PHE B 98 31.56 4.16 -20.92
C PHE B 98 32.39 5.25 -21.61
N ILE B 99 32.12 6.51 -21.29
CA ILE B 99 32.76 7.63 -22.00
C ILE B 99 33.92 8.19 -21.19
N ARG B 100 35.03 8.47 -21.86
CA ARG B 100 36.18 9.13 -21.23
C ARG B 100 36.41 10.45 -21.94
N THR B 101 36.68 11.51 -21.18
CA THR B 101 36.81 12.84 -21.78
C THR B 101 38.11 13.03 -22.56
N THR B 102 39.07 12.11 -22.43
CA THR B 102 40.27 12.11 -23.27
C THR B 102 39.98 11.68 -24.70
N ASN B 103 38.77 11.19 -24.94
CA ASN B 103 38.38 10.68 -26.24
C ASN B 103 38.26 11.79 -27.28
N GLU B 104 38.75 11.53 -28.49
CA GLU B 104 38.86 12.56 -29.53
C GLU B 104 37.51 13.05 -30.02
N GLN B 105 36.56 12.13 -30.09
CA GLN B 105 35.22 12.49 -30.53
C GLN B 105 34.53 13.40 -29.51
N HIS B 106 34.77 13.17 -28.22
CA HIS B 106 34.27 14.08 -27.18
C HIS B 106 34.87 15.49 -27.33
N LYS B 107 36.16 15.56 -27.66
CA LYS B 107 36.80 16.85 -27.81
C LYS B 107 36.25 17.60 -29.01
N ALA B 108 35.94 16.88 -30.08
CA ALA B 108 35.27 17.48 -31.24
C ALA B 108 33.96 18.12 -30.83
N VAL B 109 33.19 17.41 -30.01
CA VAL B 109 31.91 17.91 -29.57
C VAL B 109 32.07 19.14 -28.66
N VAL B 110 33.04 19.10 -27.76
CA VAL B 110 33.32 20.22 -26.86
C VAL B 110 33.67 21.47 -27.65
N LYS B 111 34.52 21.35 -28.67
CA LYS B 111 34.88 22.50 -29.51
C LYS B 111 33.67 23.01 -30.28
N GLU B 112 32.89 22.07 -30.79
CA GLU B 112 31.67 22.36 -31.52
C GLU B 112 30.72 23.20 -30.65
N LEU B 113 30.44 22.73 -29.45
CA LEU B 113 29.56 23.46 -28.54
C LEU B 113 30.16 24.80 -28.08
N TRP B 114 31.45 24.79 -27.78
CA TRP B 114 32.15 26.01 -27.42
C TRP B 114 31.94 27.07 -28.50
N THR B 115 32.23 26.67 -29.74
CA THR B 115 32.26 27.59 -30.87
C THR B 115 30.86 28.18 -31.09
N LYS B 116 29.86 27.33 -30.92
CA LYS B 116 28.47 27.74 -31.03
C LYS B 116 28.12 28.82 -29.99
N LEU B 117 28.52 28.59 -28.74
CA LEU B 117 28.28 29.58 -27.67
C LEU B 117 29.00 30.91 -27.91
N GLU B 118 30.23 30.84 -28.45
CA GLU B 118 31.03 32.04 -28.74
C GLU B 118 30.41 32.81 -29.90
N GLN B 119 30.00 32.09 -30.93
CA GLN B 119 29.36 32.73 -32.07
C GLN B 119 28.01 33.36 -31.70
N LYS B 120 27.30 32.74 -30.76
CA LYS B 120 26.05 33.30 -30.23
C LYS B 120 26.24 34.59 -29.41
N GLY B 121 27.48 34.86 -28.99
CA GLY B 121 27.79 35.97 -28.10
C GLY B 121 27.61 35.66 -26.61
N ASP B 122 27.47 34.38 -26.27
CA ASP B 122 27.30 33.99 -24.87
C ASP B 122 28.62 33.62 -24.18
N ILE B 123 29.67 33.40 -24.97
CA ILE B 123 31.02 33.36 -24.44
C ILE B 123 31.78 34.57 -24.97
N TYR B 124 32.50 35.27 -24.09
CA TYR B 124 33.33 36.42 -24.49
C TYR B 124 34.71 36.40 -23.81
N LEU B 125 35.68 37.02 -24.44
CA LEU B 125 37.04 37.09 -23.94
C LEU B 125 37.28 38.45 -23.25
N GLY B 126 37.68 38.43 -21.98
CA GLY B 126 38.03 39.66 -21.28
C GLY B 126 39.25 39.48 -20.39
N ARG B 127 39.86 40.58 -19.97
CA ARG B 127 41.00 40.51 -19.06
C ARG B 127 40.50 40.63 -17.63
N TYR B 128 40.68 39.59 -16.85
CA TYR B 128 40.31 39.59 -15.43
C TYR B 128 41.47 40.12 -14.60
N GLU B 129 41.16 40.98 -13.63
CA GLU B 129 42.16 41.40 -12.65
C GLU B 129 41.62 41.28 -11.22
N GLY B 130 42.20 40.38 -10.45
CA GLY B 130 41.72 40.09 -9.12
C GLY B 130 42.36 38.87 -8.48
N TRP B 131 41.67 38.32 -7.48
CA TRP B 131 42.17 37.19 -6.72
C TRP B 131 41.80 35.87 -7.39
N TYR B 132 42.65 34.87 -7.19
CA TYR B 132 42.42 33.51 -7.68
C TYR B 132 43.09 32.54 -6.70
N SER B 133 42.32 31.57 -6.19
CA SER B 133 42.90 30.45 -5.42
C SER B 133 43.29 29.31 -6.37
N ILE B 134 44.57 28.96 -6.38
CA ILE B 134 45.06 27.90 -7.25
C ILE B 134 44.52 26.55 -6.80
N SER B 135 44.50 26.33 -5.49
CA SER B 135 44.03 25.06 -4.92
C SER B 135 42.53 24.83 -5.11
N ASP B 136 41.73 25.89 -4.96
CA ASP B 136 40.27 25.82 -5.16
C ASP B 136 39.88 26.02 -6.62
N GLU B 137 40.85 26.42 -7.45
CA GLU B 137 40.64 26.67 -8.87
C GLU B 137 39.50 27.68 -9.09
N SER B 138 39.41 28.67 -8.20
CA SER B 138 38.31 29.64 -8.20
C SER B 138 38.84 31.05 -8.27
N PHE B 139 38.19 31.86 -9.09
CA PHE B 139 38.32 33.31 -9.01
C PHE B 139 37.50 33.76 -7.79
N LEU B 140 38.02 34.71 -7.03
CA LEU B 140 37.39 35.19 -5.80
C LEU B 140 37.30 36.71 -5.80
N THR B 141 36.22 37.26 -5.27
CA THR B 141 36.05 38.71 -5.16
C THR B 141 36.76 39.24 -3.93
N PRO B 142 37.12 40.55 -3.92
CA PRO B 142 37.78 41.12 -2.74
C PRO B 142 37.00 40.91 -1.42
N GLN B 143 35.68 40.89 -1.51
CA GLN B 143 34.82 40.70 -0.33
C GLN B 143 34.80 39.26 0.21
N ASN B 144 35.40 38.32 -0.52
CA ASN B 144 35.51 36.92 -0.07
C ASN B 144 36.93 36.50 0.35
N ILE B 145 37.71 37.44 0.89
CA ILE B 145 39.05 37.12 1.41
C ILE B 145 39.36 37.85 2.72
N THR B 146 40.38 37.37 3.44
CA THR B 146 40.97 38.09 4.58
C THR B 146 42.43 37.65 4.82
N ASP B 147 43.09 38.31 5.77
CA ASP B 147 44.52 38.06 6.06
C ASP B 147 44.75 36.66 6.66
N GLY B 148 45.96 36.15 6.45
CA GLY B 148 46.34 34.81 6.91
C GLY B 148 47.83 34.55 6.70
N VAL B 149 48.23 33.28 6.69
CA VAL B 149 49.64 32.91 6.59
C VAL B 149 49.82 31.72 5.65
N ASP B 150 50.86 31.77 4.80
CA ASP B 150 51.20 30.65 3.90
C ASP B 150 52.01 29.57 4.64
N LYS B 151 52.29 28.46 3.96
CA LYS B 151 52.93 27.29 4.60
C LYS B 151 54.36 27.58 5.09
N ASP B 152 55.07 28.47 4.39
CA ASP B 152 56.41 28.89 4.79
C ASP B 152 56.39 29.79 6.04
N GLY B 153 55.34 30.59 6.18
CA GLY B 153 55.13 31.42 7.37
C GLY B 153 55.27 32.91 7.06
N ASN B 154 54.47 33.39 6.11
CA ASN B 154 54.51 34.79 5.69
C ASN B 154 53.11 35.40 5.64
N PRO B 155 52.97 36.69 6.05
CA PRO B 155 51.64 37.33 6.01
C PRO B 155 51.09 37.50 4.60
N CYS B 156 50.08 36.69 4.26
CA CYS B 156 49.46 36.71 2.93
C CYS B 156 47.93 36.78 3.02
N LYS B 157 47.27 36.74 1.87
CA LYS B 157 45.80 36.70 1.81
C LYS B 157 45.34 35.26 1.55
N VAL B 158 44.18 34.91 2.10
CA VAL B 158 43.61 33.57 1.94
C VAL B 158 42.10 33.64 1.68
N SER B 159 41.56 32.52 1.21
CA SER B 159 40.12 32.36 1.00
C SER B 159 39.37 32.41 2.33
N LEU B 160 38.15 32.95 2.32
CA LEU B 160 37.27 32.93 3.48
C LEU B 160 36.55 31.58 3.64
N GLU B 161 36.18 30.98 2.51
CA GLU B 161 35.44 29.71 2.49
C GLU B 161 36.34 28.54 2.88
N SER B 162 37.43 28.36 2.11
CA SER B 162 38.52 27.48 2.50
C SER B 162 39.57 28.35 3.19
N GLY B 163 40.77 27.80 3.43
CA GLY B 163 41.85 28.59 4.03
C GLY B 163 43.06 28.76 3.13
N HIS B 164 42.91 28.35 1.87
CA HIS B 164 44.05 28.27 0.95
C HIS B 164 44.48 29.66 0.46
N VAL B 165 45.72 29.78 0.00
CA VAL B 165 46.29 31.08 -0.37
C VAL B 165 45.75 31.57 -1.72
N VAL B 166 45.43 32.86 -1.78
CA VAL B 166 44.97 33.51 -3.01
C VAL B 166 46.11 34.35 -3.58
N THR B 167 46.18 34.40 -4.91
CA THR B 167 47.17 35.22 -5.60
C THR B 167 46.41 36.33 -6.31
N TRP B 168 47.01 37.51 -6.45
CA TRP B 168 46.48 38.50 -7.38
C TRP B 168 47.00 38.16 -8.77
N VAL B 169 46.10 38.08 -9.74
CA VAL B 169 46.48 37.75 -11.12
C VAL B 169 45.84 38.70 -12.13
N SER B 170 46.51 38.83 -13.28
CA SER B 170 45.99 39.58 -14.42
C SER B 170 46.08 38.70 -15.65
N GLU B 171 44.92 38.27 -16.16
CA GLU B 171 44.86 37.22 -17.19
C GLU B 171 43.69 37.44 -18.12
N GLU B 172 43.90 37.19 -19.41
CA GLU B 172 42.77 37.01 -20.32
C GLU B 172 42.01 35.73 -19.93
N ASN B 173 40.69 35.80 -20.01
CA ASN B 173 39.84 34.71 -19.58
C ASN B 173 38.51 34.71 -20.33
N TYR B 174 37.98 33.52 -20.61
CA TYR B 174 36.70 33.37 -21.26
C TYR B 174 35.60 33.19 -20.22
N MET B 175 34.56 34.03 -20.34
CA MET B 175 33.39 34.00 -19.45
C MET B 175 32.16 33.62 -20.23
N PHE B 176 31.37 32.72 -19.67
CA PHE B 176 30.04 32.45 -20.18
C PHE B 176 29.00 33.35 -19.47
N ARG B 177 28.18 34.05 -20.25
CA ARG B 177 27.31 35.09 -19.72
C ARG B 177 26.05 34.51 -19.05
N LEU B 178 26.27 33.75 -17.99
CA LEU B 178 25.21 33.03 -17.27
C LEU B 178 24.16 33.96 -16.68
N SER B 179 24.58 35.16 -16.29
CA SER B 179 23.65 36.14 -15.72
C SER B 179 22.51 36.45 -16.68
N ALA B 180 22.76 36.36 -17.98
CA ALA B 180 21.74 36.62 -19.00
C ALA B 180 20.69 35.52 -19.18
N PHE B 181 20.83 34.40 -18.47
CA PHE B 181 19.90 33.24 -18.59
C PHE B 181 18.95 33.06 -17.41
N ARG B 182 19.08 33.91 -16.39
CA ARG B 182 18.23 33.84 -15.22
C ARG B 182 16.74 33.66 -15.56
N GLU B 183 16.21 34.54 -16.41
CA GLU B 183 14.78 34.55 -16.74
C GLU B 183 14.36 33.28 -17.50
N ARG B 184 15.16 32.83 -18.48
CA ARG B 184 14.84 31.61 -19.22
C ARG B 184 14.89 30.35 -18.34
N LEU B 185 15.80 30.33 -17.37
CA LEU B 185 15.91 29.20 -16.45
C LEU B 185 14.68 29.10 -15.56
N LEU B 186 14.30 30.24 -14.97
CA LEU B 186 13.10 30.31 -14.17
C LEU B 186 11.85 29.92 -14.96
N GLU B 187 11.76 30.35 -16.21
CA GLU B 187 10.67 29.92 -17.09
C GLU B 187 10.63 28.39 -17.23
N TRP B 188 11.79 27.81 -17.48
CA TRP B 188 11.92 26.37 -17.63
C TRP B 188 11.54 25.60 -16.37
N TYR B 189 11.94 26.08 -15.20
CA TYR B 189 11.55 25.39 -13.96
C TYR B 189 10.05 25.40 -13.73
N HIS B 190 9.41 26.56 -13.90
CA HIS B 190 7.99 26.67 -13.62
CA HIS B 190 7.97 26.73 -13.66
C HIS B 190 7.13 25.96 -14.68
N ALA B 191 7.60 25.91 -15.90
CA ALA B 191 6.92 25.19 -16.97
C ALA B 191 7.05 23.66 -16.80
N ASN B 192 8.12 23.21 -16.16
CA ASN B 192 8.37 21.78 -15.99
C ASN B 192 8.58 21.43 -14.53
N PRO B 193 7.50 21.48 -13.74
CA PRO B 193 7.64 21.42 -12.29
C PRO B 193 8.09 20.07 -11.73
N GLY B 194 8.22 19.04 -12.59
CA GLY B 194 8.84 17.77 -12.18
C GLY B 194 10.24 17.53 -12.76
N CYS B 195 10.90 18.59 -13.25
CA CYS B 195 12.17 18.42 -13.94
C CYS B 195 13.36 18.23 -12.98
N ILE B 196 13.18 18.56 -11.70
CA ILE B 196 14.20 18.33 -10.70
C ILE B 196 13.60 17.58 -9.54
N VAL B 197 14.22 16.46 -9.21
CA VAL B 197 13.75 15.59 -8.18
C VAL B 197 14.90 15.31 -7.20
N PRO B 198 14.59 15.24 -5.90
CA PRO B 198 13.30 15.40 -5.25
C PRO B 198 12.98 16.87 -5.04
N GLU B 199 11.73 17.13 -4.64
CA GLU B 199 11.13 18.46 -4.67
C GLU B 199 11.87 19.52 -3.87
N PHE B 200 12.40 19.19 -2.69
CA PHE B 200 13.08 20.20 -1.88
C PHE B 200 14.36 20.69 -2.57
N ARG B 201 14.99 19.83 -3.35
CA ARG B 201 16.17 20.23 -4.11
C ARG B 201 15.78 21.09 -5.30
N ARG B 202 14.62 20.80 -5.87
CA ARG B 202 14.08 21.62 -6.95
C ARG B 202 13.85 23.06 -6.47
N ARG B 203 13.35 23.22 -5.25
CA ARG B 203 13.09 24.55 -4.70
C ARG B 203 14.36 25.28 -4.35
N GLU B 204 15.35 24.55 -3.83
CA GLU B 204 16.69 25.11 -3.59
C GLU B 204 17.27 25.73 -4.87
N VAL B 205 17.15 25.03 -5.98
CA VAL B 205 17.64 25.54 -7.23
C VAL B 205 16.89 26.81 -7.61
N ILE B 206 15.56 26.80 -7.53
CA ILE B 206 14.78 27.95 -7.95
C ILE B 206 15.09 29.20 -7.11
N ARG B 207 15.22 29.05 -5.80
N ARG B 207 15.20 29.03 -5.79
CA ARG B 207 15.51 30.20 -4.94
CA ARG B 207 15.57 30.12 -4.88
C ARG B 207 16.90 30.79 -5.25
C ARG B 207 16.88 30.77 -5.31
N ALA B 208 17.86 29.93 -5.61
CA ALA B 208 19.18 30.37 -5.96
C ALA B 208 19.17 31.18 -7.24
N VAL B 209 18.48 30.70 -8.26
CA VAL B 209 18.39 31.43 -9.52
C VAL B 209 17.63 32.74 -9.34
N GLU B 210 16.62 32.73 -8.46
CA GLU B 210 15.83 33.94 -8.15
C GLU B 210 16.72 35.04 -7.56
N LYS B 211 17.68 34.65 -6.71
CA LYS B 211 18.58 35.64 -6.11
C LYS B 211 19.55 36.26 -7.11
N GLY B 212 19.63 35.71 -8.33
CA GLY B 212 20.49 36.25 -9.38
C GLY B 212 21.71 35.39 -9.61
N LEU B 213 22.27 35.48 -10.81
CA LEU B 213 23.36 34.60 -11.25
C LEU B 213 24.57 35.37 -11.70
N PRO B 214 25.77 35.02 -11.18
CA PRO B 214 26.99 35.58 -11.74
C PRO B 214 27.38 34.87 -13.03
N ASP B 215 28.21 35.52 -13.83
CA ASP B 215 28.77 34.91 -15.04
C ASP B 215 29.77 33.84 -14.64
N LEU B 216 30.06 32.94 -15.58
CA LEU B 216 30.80 31.74 -15.29
C LEU B 216 32.07 31.61 -16.11
N SER B 217 33.21 31.55 -15.43
CA SER B 217 34.49 31.40 -16.10
C SER B 217 34.60 30.01 -16.68
N VAL B 218 34.85 29.91 -17.98
CA VAL B 218 34.88 28.60 -18.68
C VAL B 218 36.24 28.24 -19.28
N SER B 219 37.25 29.04 -19.00
CA SER B 219 38.60 28.68 -19.40
C SER B 219 39.60 28.93 -18.27
N ARG B 220 40.76 28.31 -18.42
CA ARG B 220 41.92 28.61 -17.59
C ARG B 220 43.12 28.66 -18.49
N ALA B 221 44.14 29.41 -18.08
CA ALA B 221 45.39 29.43 -18.81
C ALA B 221 45.95 28.01 -18.84
N ARG B 222 46.59 27.63 -19.93
CA ARG B 222 47.09 26.28 -20.08
C ARG B 222 48.09 25.87 -18.97
N ALA B 223 48.97 26.77 -18.57
CA ALA B 223 49.93 26.48 -17.49
C ALA B 223 49.23 26.15 -16.16
N THR B 224 48.10 26.80 -15.91
CA THR B 224 47.29 26.57 -14.70
C THR B 224 46.86 25.11 -14.60
N LEU B 225 46.50 24.54 -15.75
CA LEU B 225 46.05 23.16 -15.87
C LEU B 225 47.16 22.18 -16.31
N HIS B 226 48.41 22.63 -16.32
CA HIS B 226 49.55 21.77 -16.70
C HIS B 226 49.39 21.19 -18.10
N ASN B 227 48.79 22.01 -18.97
CA ASN B 227 48.52 21.64 -20.35
C ASN B 227 47.68 20.37 -20.49
N TRP B 228 47.00 19.96 -19.44
CA TRP B 228 46.26 18.71 -19.48
C TRP B 228 44.73 18.96 -19.54
N ALA B 229 44.31 19.47 -20.69
CA ALA B 229 42.90 19.86 -20.94
C ALA B 229 42.68 20.15 -22.42
N ILE B 230 41.42 20.36 -22.80
CA ILE B 230 41.11 20.62 -24.21
C ILE B 230 41.44 22.07 -24.54
N PRO B 231 42.18 22.31 -25.63
CA PRO B 231 42.44 23.70 -26.01
C PRO B 231 41.21 24.46 -26.52
N VAL B 232 41.13 25.74 -26.16
CA VAL B 232 40.09 26.61 -26.67
C VAL B 232 40.25 26.77 -28.18
N PRO B 233 39.17 26.51 -28.96
CA PRO B 233 39.23 26.70 -30.40
C PRO B 233 39.68 28.09 -30.76
N GLY B 234 40.68 28.17 -31.62
CA GLY B 234 41.21 29.44 -32.07
C GLY B 234 42.20 30.07 -31.10
N ASN B 235 42.39 29.48 -29.92
CA ASN B 235 43.24 30.10 -28.92
C ASN B 235 44.01 29.10 -28.04
N PRO B 236 45.16 28.63 -28.55
CA PRO B 236 45.98 27.61 -27.87
C PRO B 236 46.49 28.00 -26.47
N ASP B 237 46.59 29.28 -26.16
CA ASP B 237 47.01 29.71 -24.82
C ASP B 237 46.05 29.36 -23.68
N HIS B 238 44.80 29.03 -24.01
CA HIS B 238 43.76 28.77 -23.01
C HIS B 238 43.13 27.41 -23.23
N VAL B 240 39.81 24.65 -22.14
CA VAL B 240 38.42 24.57 -21.69
C VAL B 240 38.40 23.98 -20.29
N TYR B 241 37.81 24.71 -19.35
CA TYR B 241 37.72 24.25 -17.95
C TYR B 241 36.60 23.22 -17.83
N VAL B 242 36.31 22.80 -16.60
CA VAL B 242 35.47 21.62 -16.36
C VAL B 242 34.05 21.71 -16.93
N TRP B 243 33.42 22.87 -16.83
CA TRP B 243 31.99 23.00 -17.12
C TRP B 243 31.64 22.54 -18.53
N LEU B 244 32.28 23.12 -19.54
CA LEU B 244 32.01 22.74 -20.93
C LEU B 244 32.72 21.45 -21.37
N ASP B 245 33.64 20.96 -20.56
CA ASP B 245 34.28 19.67 -20.83
C ASP B 245 33.43 18.52 -20.30
N ALA B 246 33.16 18.52 -19.00
CA ALA B 246 32.53 17.38 -18.35
C ALA B 246 31.04 17.25 -18.69
N LEU B 247 30.30 18.35 -18.61
CA LEU B 247 28.85 18.30 -18.84
C LEU B 247 28.54 17.85 -20.27
N THR B 248 29.37 18.29 -21.19
CA THR B 248 29.20 17.99 -22.60
C THR B 248 29.26 16.51 -22.91
N ASN B 249 29.74 15.71 -21.96
CA ASN B 249 29.85 14.28 -22.17
C ASN B 249 28.50 13.68 -22.56
N TYR B 250 27.45 14.23 -21.96
CA TYR B 250 26.09 13.78 -22.24
C TYR B 250 25.71 14.03 -23.71
N LEU B 251 26.14 15.16 -24.25
CA LEU B 251 25.89 15.47 -25.65
C LEU B 251 26.72 14.55 -26.54
N THR B 252 27.99 14.40 -26.22
CA THR B 252 28.85 13.49 -26.96
C THR B 252 28.27 12.08 -27.02
N GLY B 253 27.94 11.55 -25.84
CA GLY B 253 27.42 10.20 -25.72
C GLY B 253 26.18 9.98 -26.55
N SER B 254 25.34 11.01 -26.65
CA SER B 254 24.09 10.92 -27.42
C SER B 254 24.35 10.79 -28.91
N ARG B 255 25.58 11.07 -29.33
CA ARG B 255 25.95 11.09 -30.73
C ARG B 255 26.92 9.98 -31.13
N LEU B 256 27.24 9.05 -30.23
CA LEU B 256 28.17 7.98 -30.57
C LEU B 256 27.50 6.70 -31.03
N ARG B 257 27.79 6.26 -32.24
CA ARG B 257 27.55 4.86 -32.65
C ARG B 257 28.52 3.91 -31.93
N VAL B 258 27.97 2.84 -31.36
CA VAL B 258 28.74 1.93 -30.53
C VAL B 258 28.56 0.51 -31.04
N ASP B 259 29.67 -0.22 -31.18
CA ASP B 259 29.62 -1.62 -31.65
C ASP B 259 29.34 -2.56 -30.47
N GLU B 260 29.26 -3.87 -30.77
CA GLU B 260 28.92 -4.89 -29.79
C GLU B 260 29.96 -5.05 -28.67
N SER B 261 31.19 -4.62 -28.92
CA SER B 261 32.26 -4.72 -27.92
C SER B 261 32.31 -3.49 -26.99
N GLY B 262 31.42 -2.53 -27.20
CA GLY B 262 31.34 -1.32 -26.36
C GLY B 262 32.23 -0.16 -26.80
N LYS B 263 32.84 -0.30 -27.97
CA LYS B 263 33.72 0.75 -28.48
C LYS B 263 32.97 1.69 -29.42
N GLU B 264 33.25 2.99 -29.30
CA GLU B 264 32.66 3.98 -30.20
C GLU B 264 33.34 3.88 -31.56
N VAL B 265 32.54 3.73 -32.61
CA VAL B 265 33.09 3.59 -33.96
C VAL B 265 32.82 4.81 -34.83
N SER B 266 31.97 5.73 -34.35
CA SER B 266 31.60 6.89 -35.17
C SER B 266 30.86 7.96 -34.39
N LEU B 267 31.14 9.22 -34.70
CA LEU B 267 30.43 10.37 -34.16
C LEU B 267 29.51 10.97 -35.23
N VAL B 268 28.20 10.89 -35.02
CA VAL B 268 27.25 11.49 -35.96
C VAL B 268 27.18 12.99 -35.74
N ASP B 269 26.73 13.72 -36.77
CA ASP B 269 26.67 15.18 -36.75
C ASP B 269 25.46 15.67 -35.99
N ASP B 270 24.34 15.00 -36.22
CA ASP B 270 23.05 15.44 -35.73
C ASP B 270 22.57 14.50 -34.61
N PHE B 271 22.43 15.05 -33.40
CA PHE B 271 21.98 14.25 -32.25
C PHE B 271 20.66 13.51 -32.53
N ASN B 272 19.76 14.14 -33.29
CA ASN B 272 18.49 13.50 -33.61
C ASN B 272 18.61 12.18 -34.36
N GLU B 273 19.74 11.95 -35.02
CA GLU B 273 19.92 10.70 -35.75
C GLU B 273 19.87 9.46 -34.83
N LEU B 274 20.37 9.58 -33.61
CA LEU B 274 20.39 8.46 -32.67
C LEU B 274 19.23 8.46 -31.67
N GLU B 275 18.47 9.55 -31.63
CA GLU B 275 17.22 9.63 -30.87
C GLU B 275 17.41 9.56 -29.36
N ARG B 276 18.60 9.93 -28.89
CA ARG B 276 18.90 9.89 -27.46
C ARG B 276 18.77 11.26 -26.81
N PHE B 277 19.38 12.27 -27.41
CA PHE B 277 19.40 13.60 -26.80
C PHE B 277 18.01 14.22 -26.88
N PRO B 278 17.58 14.90 -25.79
CA PRO B 278 18.25 15.10 -24.51
C PRO B 278 17.98 13.91 -23.57
N ALA B 279 18.76 13.81 -22.50
CA ALA B 279 18.55 12.78 -21.49
C ALA B 279 17.15 12.83 -20.92
N ASP B 280 16.58 11.65 -20.75
CA ASP B 280 15.32 11.54 -20.04
C ASP B 280 15.53 11.62 -18.53
N VAL B 281 16.63 11.06 -18.05
CA VAL B 281 17.06 11.26 -16.67
C VAL B 281 18.57 11.39 -16.57
N HIS B 282 19.01 12.48 -15.95
CA HIS B 282 20.36 12.62 -15.45
C HIS B 282 20.34 12.22 -13.97
N VAL B 283 21.06 11.17 -13.60
CA VAL B 283 21.26 10.82 -12.20
C VAL B 283 22.51 11.50 -11.69
N ILE B 284 22.40 12.20 -10.55
CA ILE B 284 23.55 12.86 -9.93
C ILE B 284 23.46 12.85 -8.39
N GLY B 285 24.58 13.14 -7.73
CA GLY B 285 24.58 13.40 -6.29
C GLY B 285 24.24 14.87 -6.05
N LYS B 286 23.63 15.16 -4.89
CA LYS B 286 23.23 16.53 -4.52
C LYS B 286 24.34 17.59 -4.70
N ASP B 287 25.59 17.17 -4.67
CA ASP B 287 26.77 18.03 -4.76
C ASP B 287 26.99 18.75 -6.11
N ILE B 288 26.48 18.17 -7.19
CA ILE B 288 26.65 18.73 -8.53
C ILE B 288 25.29 19.14 -9.14
N LEU B 289 24.28 19.27 -8.30
CA LEU B 289 22.95 19.72 -8.73
C LEU B 289 22.98 21.08 -9.41
N LYS B 290 23.58 22.07 -8.76
CA LYS B 290 23.72 23.40 -9.35
C LYS B 290 24.32 23.35 -10.75
N PHE B 291 25.34 22.51 -10.94
CA PHE B 291 26.03 22.45 -12.23
C PHE B 291 25.10 21.84 -13.29
N HIS B 292 24.24 20.92 -12.88
CA HIS B 292 23.35 20.23 -13.80
C HIS B 292 22.01 20.97 -14.05
N ALA B 293 21.53 21.72 -13.06
CA ALA B 293 20.23 22.38 -13.19
C ALA B 293 20.34 23.87 -13.52
N ILE B 294 21.53 24.44 -13.42
CA ILE B 294 21.74 25.84 -13.80
C ILE B 294 22.71 25.98 -14.97
N TYR B 295 23.97 25.61 -14.79
CA TYR B 295 24.98 25.72 -15.86
C TYR B 295 24.58 24.97 -17.12
N TRP B 296 24.34 23.68 -16.94
CA TRP B 296 24.06 22.77 -18.07
C TRP B 296 22.89 23.27 -18.95
N PRO B 297 21.74 23.57 -18.35
CA PRO B 297 20.67 24.05 -19.21
C PRO B 297 20.89 25.44 -19.85
N ALA B 298 21.71 26.29 -19.24
CA ALA B 298 22.04 27.57 -19.86
C ALA B 298 22.85 27.33 -21.13
N PHE B 299 23.80 26.41 -21.05
CA PHE B 299 24.58 26.04 -22.21
C PHE B 299 23.67 25.55 -23.34
N LEU B 300 22.68 24.74 -22.98
CA LEU B 300 21.78 24.15 -23.98
C LEU B 300 20.86 25.21 -24.59
N LEU B 301 20.38 26.11 -23.75
CA LEU B 301 19.61 27.26 -24.18
C LEU B 301 20.43 28.12 -25.16
N SER B 302 21.66 28.43 -24.81
CA SER B 302 22.53 29.17 -25.70
C SER B 302 22.65 28.47 -27.05
N ALA B 303 22.88 27.16 -27.03
CA ALA B 303 23.10 26.42 -28.27
C ALA B 303 21.83 26.13 -29.04
N GLY B 304 20.67 26.38 -28.44
CA GLY B 304 19.39 26.07 -29.08
C GLY B 304 19.16 24.58 -29.08
N LEU B 305 19.68 23.90 -28.06
CA LEU B 305 19.52 22.47 -27.91
C LEU B 305 18.43 22.18 -26.90
N PRO B 306 17.77 21.02 -27.05
CA PRO B 306 16.71 20.67 -26.11
C PRO B 306 17.24 20.36 -24.70
N LEU B 307 16.41 20.63 -23.71
CA LEU B 307 16.77 20.44 -22.32
C LEU B 307 16.35 19.06 -21.81
N PRO B 308 17.08 18.52 -20.84
CA PRO B 308 16.76 17.20 -20.27
C PRO B 308 15.41 17.21 -19.62
N LYS B 309 14.76 16.07 -19.58
CA LYS B 309 13.44 15.98 -18.95
C LYS B 309 13.49 16.05 -17.44
N LYS B 310 14.48 15.40 -16.85
CA LYS B 310 14.54 15.18 -15.42
C LYS B 310 15.97 15.11 -14.93
N ILE B 311 16.24 15.77 -13.81
CA ILE B 311 17.48 15.67 -13.09
C ILE B 311 17.14 15.12 -11.71
N VAL B 312 17.70 13.97 -11.36
CA VAL B 312 17.46 13.36 -10.05
C VAL B 312 18.73 13.39 -9.21
N ALA B 313 18.66 14.08 -8.06
CA ALA B 313 19.82 14.28 -7.19
C ALA B 313 19.66 13.54 -5.89
N HIS B 314 20.57 12.61 -5.60
CA HIS B 314 20.47 11.74 -4.42
C HIS B 314 21.41 12.21 -3.32
N GLY B 315 21.36 11.54 -2.17
CA GLY B 315 22.18 11.88 -1.00
C GLY B 315 23.50 11.12 -0.90
N TRP B 316 24.16 11.28 0.26
CA TRP B 316 25.48 10.69 0.50
C TRP B 316 25.41 9.63 1.59
N TRP B 317 25.94 8.45 1.34
CA TRP B 317 25.95 7.38 2.34
C TRP B 317 26.95 7.62 3.48
N THR B 318 26.55 7.16 4.67
CA THR B 318 27.44 6.94 5.83
C THR B 318 27.45 5.44 6.13
N LYS B 319 28.40 5.02 6.97
CA LYS B 319 28.40 3.65 7.49
C LYS B 319 28.46 3.70 9.02
N ASP B 320 27.56 2.97 9.67
CA ASP B 320 27.43 2.96 11.14
C ASP B 320 27.34 4.39 11.68
N ARG B 321 26.57 5.22 10.98
CA ARG B 321 26.33 6.62 11.33
C ARG B 321 27.59 7.50 11.44
N LYS B 322 28.66 7.10 10.74
CA LYS B 322 29.90 7.88 10.68
C LYS B 322 30.31 8.09 9.22
N LYS B 323 31.16 9.08 8.98
CA LYS B 323 31.68 9.35 7.63
C LYS B 323 32.46 8.15 7.10
N ILE B 324 32.36 7.92 5.80
CA ILE B 324 33.07 6.82 5.16
C ILE B 324 34.41 7.35 4.68
N SER B 325 35.49 6.66 5.05
CA SER B 325 36.85 7.13 4.81
C SER B 325 37.89 6.05 5.11
N LYS B 326 38.88 5.89 4.23
CA LYS B 326 40.01 4.98 4.44
C LYS B 326 40.71 5.34 5.75
N SER B 327 41.21 6.57 5.83
CA SER B 327 41.63 7.16 7.11
C SER B 327 40.38 7.41 7.94
N LEU B 328 40.52 7.44 9.26
CA LEU B 328 39.38 7.42 10.20
C LEU B 328 38.75 6.02 10.32
N GLY B 329 39.33 5.05 9.61
CA GLY B 329 39.02 3.63 9.82
C GLY B 329 37.57 3.21 9.65
N ASN B 330 36.85 3.82 8.71
CA ASN B 330 35.47 3.43 8.41
C ASN B 330 35.29 3.23 6.90
N VAL B 331 35.63 2.02 6.47
CA VAL B 331 35.60 1.62 5.07
C VAL B 331 34.24 1.02 4.72
N PHE B 332 33.71 1.42 3.56
CA PHE B 332 32.55 0.76 2.97
C PHE B 332 32.85 0.44 1.51
N ASP B 333 33.24 -0.82 1.28
CA ASP B 333 33.63 -1.34 -0.04
C ASP B 333 32.48 -2.17 -0.58
N PRO B 334 31.76 -1.65 -1.60
CA PRO B 334 30.57 -2.35 -2.07
C PRO B 334 30.83 -3.74 -2.68
N VAL B 335 31.96 -3.92 -3.37
CA VAL B 335 32.29 -5.24 -3.89
C VAL B 335 32.45 -6.21 -2.73
N GLU B 336 33.18 -5.78 -1.71
CA GLU B 336 33.47 -6.62 -0.56
C GLU B 336 32.17 -7.05 0.12
N LYS B 337 31.25 -6.11 0.32
CA LYS B 337 29.96 -6.41 0.94
C LYS B 337 29.07 -7.25 0.03
N ALA B 338 29.15 -7.04 -1.28
CA ALA B 338 28.41 -7.84 -2.25
C ALA B 338 28.89 -9.30 -2.27
N GLU B 339 30.21 -9.47 -2.17
CA GLU B 339 30.81 -10.79 -2.06
C GLU B 339 30.33 -11.50 -0.79
N GLU B 340 30.09 -10.72 0.27
CA GLU B 340 29.65 -11.31 1.53
C GLU B 340 28.17 -11.67 1.54
N PHE B 341 27.31 -10.73 1.13
CA PHE B 341 25.85 -10.87 1.29
C PHE B 341 25.10 -11.20 0.01
N GLY B 342 25.73 -10.92 -1.14
CA GLY B 342 25.07 -11.07 -2.43
C GLY B 342 25.00 -9.73 -3.16
N TYR B 343 25.24 -9.78 -4.47
CA TYR B 343 25.21 -8.59 -5.30
C TYR B 343 23.79 -7.98 -5.35
N ASP B 344 22.82 -8.77 -5.79
CA ASP B 344 21.43 -8.33 -5.82
C ASP B 344 20.93 -7.89 -4.43
N ALA B 345 21.33 -8.60 -3.38
CA ALA B 345 20.90 -8.23 -2.02
C ALA B 345 21.43 -6.86 -1.59
N LEU B 346 22.69 -6.58 -1.90
CA LEU B 346 23.25 -5.28 -1.58
C LEU B 346 22.56 -4.18 -2.41
N LYS B 347 22.39 -4.43 -3.70
CA LYS B 347 21.72 -3.50 -4.60
C LYS B 347 20.33 -3.16 -4.06
N TYR B 348 19.58 -4.18 -3.66
CA TYR B 348 18.27 -3.99 -3.08
C TYR B 348 18.34 -3.13 -1.82
N PHE B 349 19.30 -3.43 -0.94
CA PHE B 349 19.43 -2.66 0.29
C PHE B 349 19.73 -1.19 0.00
N LEU B 350 20.65 -0.95 -0.94
CA LEU B 350 21.03 0.43 -1.26
C LEU B 350 19.85 1.21 -1.81
N LEU B 351 18.98 0.54 -2.55
CA LEU B 351 17.84 1.18 -3.16
C LEU B 351 16.62 1.24 -2.26
N ARG B 352 16.55 0.36 -1.29
CA ARG B 352 15.38 0.23 -0.42
C ARG B 352 15.58 1.00 0.87
N GLU B 353 16.81 1.01 1.39
CA GLU B 353 17.07 1.59 2.71
C GLU B 353 16.83 3.08 2.75
N SER B 354 17.18 3.80 1.69
CA SER B 354 17.04 5.24 1.69
C SER B 354 16.39 5.71 0.41
N GLY B 355 15.77 6.87 0.48
CA GLY B 355 15.28 7.56 -0.72
C GLY B 355 16.33 8.57 -1.17
N PHE B 356 16.04 9.32 -2.22
CA PHE B 356 16.97 10.29 -2.76
C PHE B 356 17.03 11.54 -1.91
N SER B 357 16.00 11.77 -1.10
CA SER B 357 15.95 12.87 -0.12
C SER B 357 16.87 12.67 1.07
N ASP B 358 17.27 11.43 1.32
CA ASP B 358 17.98 11.09 2.54
C ASP B 358 19.43 10.78 2.23
N ASP B 359 20.27 11.06 3.22
CA ASP B 359 21.61 10.52 3.27
C ASP B 359 21.46 9.17 3.99
N GLY B 360 21.52 8.10 3.20
CA GLY B 360 21.32 6.76 3.71
C GLY B 360 22.46 6.30 4.61
N ASP B 361 22.15 5.33 5.47
CA ASP B 361 23.13 4.73 6.39
C ASP B 361 23.19 3.22 6.21
N TYR B 362 24.39 2.72 5.94
CA TYR B 362 24.63 1.28 5.86
C TYR B 362 25.05 0.72 7.23
N SER B 363 24.57 -0.48 7.53
CA SER B 363 25.15 -1.30 8.59
C SER B 363 24.92 -2.78 8.28
N ASP B 364 25.84 -3.62 8.75
CA ASP B 364 25.69 -5.06 8.64
C ASP B 364 24.38 -5.53 9.28
N LYS B 365 24.06 -4.97 10.44
CA LYS B 365 22.83 -5.30 11.15
C LYS B 365 21.58 -5.03 10.29
N ASN B 366 21.50 -3.83 9.70
CA ASN B 366 20.33 -3.47 8.89
C ASN B 366 20.29 -4.18 7.55
N MET B 367 21.47 -4.43 6.97
CA MET B 367 21.60 -5.25 5.77
C MET B 367 21.02 -6.65 5.97
N ILE B 368 21.39 -7.26 7.09
CA ILE B 368 20.91 -8.59 7.44
C ILE B 368 19.41 -8.55 7.76
N ALA B 369 18.94 -7.50 8.42
CA ALA B 369 17.52 -7.40 8.73
C ALA B 369 16.68 -7.38 7.43
N ARG B 370 17.06 -6.55 6.46
CA ARG B 370 16.34 -6.48 5.18
C ARG B 370 16.47 -7.78 4.38
N LEU B 371 17.68 -8.32 4.32
CA LEU B 371 17.92 -9.57 3.61
C LEU B 371 17.06 -10.72 4.17
N ASN B 372 17.07 -10.88 5.50
CA ASN B 372 16.30 -11.94 6.14
C ASN B 372 14.80 -11.70 6.08
N GLY B 373 14.40 -10.47 6.36
CA GLY B 373 12.98 -10.12 6.50
C GLY B 373 12.24 -9.98 5.19
N GLU B 374 12.87 -9.35 4.21
CA GLU B 374 12.19 -9.03 2.96
C GLU B 374 12.54 -10.02 1.88
N LEU B 375 13.82 -10.23 1.66
CA LEU B 375 14.27 -11.07 0.55
C LEU B 375 14.04 -12.54 0.83
N ALA B 376 14.48 -13.02 1.99
CA ALA B 376 14.30 -14.43 2.33
C ALA B 376 12.87 -14.73 2.78
N ASP B 377 12.38 -14.03 3.79
CA ASP B 377 11.08 -14.35 4.41
C ASP B 377 9.87 -13.94 3.60
N THR B 378 9.92 -12.81 2.90
CA THR B 378 8.74 -12.37 2.18
C THR B 378 8.79 -12.89 0.75
N LEU B 379 9.90 -12.66 0.05
CA LEU B 379 10.01 -13.06 -1.36
C LEU B 379 10.39 -14.53 -1.53
N GLY B 380 11.56 -14.91 -1.00
CA GLY B 380 12.10 -16.26 -1.19
C GLY B 380 11.18 -17.33 -0.66
N ASN B 381 10.74 -17.16 0.57
CA ASN B 381 9.78 -18.06 1.21
C ASN B 381 8.54 -18.31 0.33
N LEU B 382 8.05 -17.25 -0.32
CA LEU B 382 6.86 -17.34 -1.16
C LEU B 382 7.15 -18.08 -2.46
N VAL B 383 8.31 -17.82 -3.05
CA VAL B 383 8.72 -18.47 -4.28
C VAL B 383 8.81 -19.98 -4.10
N MET B 384 9.32 -20.41 -2.95
CA MET B 384 9.49 -21.84 -2.67
C MET B 384 8.15 -22.52 -2.38
N ARG B 385 7.25 -21.80 -1.71
CA ARG B 385 5.93 -22.35 -1.36
C ARG B 385 5.11 -22.69 -2.60
N CYS B 386 5.10 -21.80 -3.58
CA CYS B 386 4.30 -22.02 -4.77
C CYS B 386 4.98 -22.96 -5.76
N THR B 387 6.26 -23.27 -5.54
CA THR B 387 6.96 -24.22 -6.40
C THR B 387 7.25 -25.58 -5.75
N SER B 388 6.86 -25.77 -4.50
CA SER B 388 7.23 -27.00 -3.78
C SER B 388 6.40 -28.18 -4.24
N ALA B 389 7.06 -29.33 -4.31
CA ALA B 389 6.41 -30.61 -4.64
C ALA B 389 5.23 -30.93 -3.72
N LYS B 390 5.33 -30.53 -2.45
CA LYS B 390 4.25 -30.82 -1.48
C LYS B 390 2.94 -30.08 -1.74
N ILE B 391 3.02 -28.94 -2.45
CA ILE B 391 1.86 -28.06 -2.68
C ILE B 391 1.47 -28.01 -4.16
N ASN B 392 2.46 -27.81 -5.02
CA ASN B 392 2.30 -27.89 -6.47
C ASN B 392 2.67 -29.31 -6.91
N VAL B 393 1.78 -30.25 -6.63
CA VAL B 393 2.11 -31.67 -6.82
C VAL B 393 2.44 -32.06 -8.26
N ASN B 394 1.80 -31.41 -9.24
CA ASN B 394 2.04 -31.73 -10.66
C ASN B 394 3.07 -30.87 -11.38
N GLY B 395 3.78 -30.02 -10.64
CA GLY B 395 4.87 -29.20 -11.20
C GLY B 395 4.48 -28.35 -12.41
N GLU B 396 3.41 -27.58 -12.26
CA GLU B 396 2.87 -26.79 -13.37
C GLU B 396 2.03 -25.60 -12.88
N TRP B 397 1.60 -24.79 -13.84
CA TRP B 397 0.69 -23.70 -13.58
C TRP B 397 -0.74 -24.26 -13.67
N PRO B 398 -1.50 -24.25 -12.57
CA PRO B 398 -2.82 -24.85 -12.68
C PRO B 398 -3.81 -23.96 -13.41
N SER B 399 -4.91 -24.55 -13.79
CA SER B 399 -5.99 -23.85 -14.45
C SER B 399 -6.96 -23.47 -13.35
N PRO B 400 -7.17 -22.17 -13.14
CA PRO B 400 -7.96 -21.79 -11.98
C PRO B 400 -9.43 -22.15 -12.10
N ALA B 401 -10.08 -22.41 -10.96
CA ALA B 401 -11.52 -22.58 -10.91
C ALA B 401 -12.19 -21.21 -10.71
N ALA B 402 -13.40 -21.18 -10.15
CA ALA B 402 -14.10 -19.90 -9.96
C ALA B 402 -13.44 -19.09 -8.85
N TYR B 403 -13.45 -17.78 -9.04
CA TYR B 403 -12.79 -16.86 -8.13
C TYR B 403 -13.70 -16.36 -7.02
N THR B 404 -13.23 -16.44 -5.78
CA THR B 404 -13.94 -15.81 -4.67
C THR B 404 -13.67 -14.31 -4.65
N GLU B 405 -14.37 -13.64 -3.77
CA GLU B 405 -14.18 -12.22 -3.57
C GLU B 405 -12.78 -11.94 -3.06
N GLU B 406 -12.30 -12.77 -2.14
CA GLU B 406 -10.96 -12.63 -1.60
C GLU B 406 -9.92 -12.79 -2.71
N ASP B 407 -10.12 -13.80 -3.57
CA ASP B 407 -9.28 -13.99 -4.75
C ASP B 407 -9.25 -12.74 -5.64
N GLU B 408 -10.42 -12.15 -5.89
CA GLU B 408 -10.51 -10.96 -6.74
C GLU B 408 -9.81 -9.77 -6.13
N SER B 409 -9.80 -9.71 -4.80
CA SER B 409 -9.17 -8.59 -4.11
C SER B 409 -7.67 -8.68 -4.29
N LEU B 410 -7.12 -9.90 -4.28
CA LEU B 410 -5.68 -10.06 -4.49
C LEU B 410 -5.31 -9.84 -5.95
N ILE B 411 -6.10 -10.45 -6.83
CA ILE B 411 -5.92 -10.26 -8.27
C ILE B 411 -5.90 -8.77 -8.63
N GLN B 412 -6.78 -7.98 -8.01
CA GLN B 412 -6.89 -6.57 -8.32
C GLN B 412 -5.60 -5.85 -7.95
N LEU B 413 -5.02 -6.25 -6.83
CA LEU B 413 -3.76 -5.67 -6.38
C LEU B 413 -2.65 -5.97 -7.37
N ILE B 414 -2.64 -7.18 -7.90
CA ILE B 414 -1.66 -7.61 -8.88
C ILE B 414 -1.87 -6.85 -10.20
N LYS B 415 -3.12 -6.73 -10.63
CA LYS B 415 -3.42 -5.89 -11.81
C LYS B 415 -2.97 -4.43 -11.64
N ASP B 416 -3.17 -3.88 -10.46
CA ASP B 416 -2.87 -2.46 -10.21
C ASP B 416 -1.37 -2.17 -10.14
N LEU B 417 -0.59 -3.17 -9.75
CA LEU B 417 0.80 -2.96 -9.39
C LEU B 417 1.64 -2.31 -10.50
N PRO B 418 1.57 -2.84 -11.73
CA PRO B 418 2.42 -2.29 -12.80
C PRO B 418 2.22 -0.80 -13.02
N GLY B 419 0.97 -0.36 -13.01
CA GLY B 419 0.67 1.06 -13.14
C GLY B 419 1.30 1.87 -12.02
N THR B 420 1.12 1.43 -10.79
CA THR B 420 1.74 2.06 -9.65
C THR B 420 3.26 2.08 -9.77
N ALA B 421 3.83 0.92 -10.04
CA ALA B 421 5.27 0.78 -10.09
C ALA B 421 5.84 1.63 -11.20
N ASP B 422 5.15 1.65 -12.33
CA ASP B 422 5.57 2.48 -13.45
C ASP B 422 5.64 3.96 -13.11
N HIS B 423 4.63 4.50 -12.42
CA HIS B 423 4.67 5.89 -12.01
C HIS B 423 5.88 6.17 -11.12
N TYR B 424 6.13 5.31 -10.13
CA TYR B 424 7.28 5.52 -9.26
C TYR B 424 8.61 5.46 -10.02
N TYR B 425 8.76 4.50 -10.92
CA TYR B 425 10.02 4.35 -11.66
C TYR B 425 10.27 5.59 -12.48
N LEU B 426 9.20 6.17 -13.01
CA LEU B 426 9.32 7.38 -13.83
C LEU B 426 9.59 8.68 -13.11
N ILE B 427 9.36 8.76 -11.80
CA ILE B 427 9.53 10.03 -11.08
C ILE B 427 10.96 10.59 -11.21
N PRO B 428 11.99 9.79 -10.93
CA PRO B 428 12.04 8.42 -10.45
C PRO B 428 12.11 8.35 -8.93
N ASP B 429 11.55 7.31 -8.35
CA ASP B 429 11.60 7.10 -6.90
C ASP B 429 11.62 5.61 -6.74
N ILE B 430 12.83 5.05 -6.68
CA ILE B 430 13.02 3.62 -6.79
C ILE B 430 12.60 2.95 -5.48
N GLN B 431 12.81 3.63 -4.35
CA GLN B 431 12.42 3.12 -3.06
C GLN B 431 10.92 2.83 -3.01
N LYS B 432 10.11 3.75 -3.52
CA LYS B 432 8.66 3.55 -3.53
C LYS B 432 8.23 2.47 -4.49
N ALA B 433 8.89 2.39 -5.64
CA ALA B 433 8.60 1.28 -6.55
C ALA B 433 8.79 -0.05 -5.81
N ILE B 434 9.90 -0.19 -5.11
CA ILE B 434 10.23 -1.41 -4.37
C ILE B 434 9.18 -1.66 -3.28
N ILE B 435 8.84 -0.62 -2.53
CA ILE B 435 7.85 -0.76 -1.48
C ILE B 435 6.51 -1.19 -2.06
N ALA B 436 6.12 -0.59 -3.18
CA ALA B 436 4.83 -0.96 -3.79
C ALA B 436 4.80 -2.43 -4.18
N VAL B 437 5.89 -2.95 -4.75
CA VAL B 437 5.94 -4.35 -5.11
C VAL B 437 5.85 -5.20 -3.86
N PHE B 438 6.64 -4.86 -2.86
CA PHE B 438 6.61 -5.62 -1.61
C PHE B 438 5.29 -5.54 -0.85
N ASP B 439 4.49 -4.50 -1.08
CA ASP B 439 3.13 -4.48 -0.53
C ASP B 439 2.32 -5.62 -1.12
N VAL B 440 2.54 -5.90 -2.41
CA VAL B 440 1.82 -6.95 -3.08
C VAL B 440 2.36 -8.31 -2.64
N LEU B 441 3.67 -8.41 -2.47
CA LEU B 441 4.27 -9.67 -1.93
C LEU B 441 3.74 -10.00 -0.52
N ARG B 442 3.65 -8.99 0.35
CA ARG B 442 3.02 -9.20 1.65
C ARG B 442 1.56 -9.65 1.51
N ALA B 443 0.82 -9.05 0.58
CA ALA B 443 -0.58 -9.42 0.41
C ALA B 443 -0.71 -10.87 -0.10
N ILE B 444 0.17 -11.26 -1.01
CA ILE B 444 0.16 -12.63 -1.52
C ILE B 444 0.45 -13.61 -0.40
N ASN B 445 1.45 -13.30 0.43
CA ASN B 445 1.75 -14.15 1.60
C ASN B 445 0.59 -14.32 2.57
N ALA B 446 -0.16 -13.24 2.80
CA ALA B 446 -1.29 -13.29 3.73
C ALA B 446 -2.37 -14.18 3.14
N TYR B 447 -2.61 -14.01 1.85
CA TYR B 447 -3.54 -14.86 1.13
C TYR B 447 -3.14 -16.34 1.19
N VAL B 448 -1.86 -16.64 1.00
CA VAL B 448 -1.41 -18.03 1.04
C VAL B 448 -1.63 -18.60 2.45
N THR B 449 -1.28 -17.81 3.46
CA THR B 449 -1.48 -18.17 4.85
C THR B 449 -2.97 -18.40 5.20
N ASP B 450 -3.86 -17.55 4.70
CA ASP B 450 -5.29 -17.75 4.94
C ASP B 450 -5.82 -18.97 4.23
N MET B 451 -5.33 -19.22 3.02
CA MET B 451 -5.87 -20.30 2.22
C MET B 451 -5.29 -21.66 2.59
N ALA B 452 -4.17 -21.68 3.33
CA ALA B 452 -3.54 -22.93 3.74
C ALA B 452 -3.50 -23.99 2.60
N PRO B 453 -2.83 -23.65 1.48
CA PRO B 453 -2.85 -24.57 0.33
C PRO B 453 -2.26 -25.95 0.60
N TRP B 454 -1.35 -26.05 1.57
CA TRP B 454 -0.80 -27.37 1.98
C TRP B 454 -1.90 -28.34 2.42
N LYS B 455 -2.92 -27.84 3.11
CA LYS B 455 -4.09 -28.65 3.49
C LYS B 455 -5.01 -28.95 2.32
N LEU B 456 -5.12 -28.00 1.38
CA LEU B 456 -6.01 -28.15 0.24
C LEU B 456 -5.61 -29.30 -0.72
N VAL B 457 -4.36 -29.75 -0.64
CA VAL B 457 -3.89 -30.82 -1.53
C VAL B 457 -4.68 -32.11 -1.29
N LYS B 458 -4.96 -32.39 -0.02
CA LYS B 458 -5.80 -33.53 0.36
C LYS B 458 -7.27 -33.15 0.33
N THR B 459 -7.56 -31.93 0.80
CA THR B 459 -8.92 -31.52 1.14
C THR B 459 -9.79 -31.04 -0.03
N ASP B 460 -9.23 -30.28 -0.96
CA ASP B 460 -10.00 -29.64 -2.03
C ASP B 460 -9.08 -29.26 -3.19
N PRO B 461 -8.63 -30.25 -3.96
CA PRO B 461 -7.67 -29.95 -5.02
C PRO B 461 -8.18 -28.94 -6.04
N GLU B 462 -9.49 -28.86 -6.26
CA GLU B 462 -10.04 -27.87 -7.18
C GLU B 462 -9.77 -26.45 -6.65
N ARG B 463 -10.01 -26.23 -5.37
CA ARG B 463 -9.72 -24.93 -4.77
C ARG B 463 -8.22 -24.59 -4.84
N LEU B 464 -7.38 -25.60 -4.65
CA LEU B 464 -5.93 -25.41 -4.75
C LEU B 464 -5.49 -24.85 -6.10
N ARG B 465 -6.10 -25.31 -7.18
CA ARG B 465 -5.77 -24.80 -8.50
C ARG B 465 -5.89 -23.27 -8.55
N THR B 466 -6.99 -22.74 -8.02
CA THR B 466 -7.24 -21.32 -8.05
C THR B 466 -6.21 -20.57 -7.19
N VAL B 467 -6.01 -21.04 -5.96
CA VAL B 467 -5.08 -20.39 -5.03
C VAL B 467 -3.65 -20.42 -5.59
N LEU B 468 -3.28 -21.54 -6.15
CA LEU B 468 -1.93 -21.74 -6.63
C LEU B 468 -1.68 -20.89 -7.88
N TYR B 469 -2.65 -20.86 -8.78
CA TYR B 469 -2.54 -20.03 -9.96
C TYR B 469 -2.35 -18.53 -9.62
N ILE B 470 -3.15 -18.02 -8.70
CA ILE B 470 -3.09 -16.61 -8.34
C ILE B 470 -1.73 -16.30 -7.70
N THR B 471 -1.28 -17.20 -6.85
CA THR B 471 0.00 -17.05 -6.18
C THR B 471 1.13 -16.99 -7.20
N LEU B 472 1.17 -17.98 -8.11
CA LEU B 472 2.18 -18.03 -9.17
C LEU B 472 2.21 -16.74 -10.02
N GLU B 473 1.02 -16.26 -10.39
CA GLU B 473 0.93 -15.11 -11.25
C GLU B 473 1.35 -13.83 -10.51
N GLY B 474 1.06 -13.76 -9.22
CA GLY B 474 1.47 -12.62 -8.41
C GLY B 474 2.98 -12.59 -8.25
N VAL B 475 3.56 -13.75 -8.01
CA VAL B 475 5.00 -13.87 -7.91
C VAL B 475 5.65 -13.48 -9.23
N ARG B 476 5.04 -13.86 -10.34
CA ARG B 476 5.63 -13.55 -11.65
C ARG B 476 5.66 -12.06 -11.89
N VAL B 477 4.53 -11.40 -11.64
CA VAL B 477 4.39 -9.97 -11.91
C VAL B 477 5.30 -9.14 -11.01
N THR B 478 5.28 -9.42 -9.71
CA THR B 478 6.15 -8.74 -8.76
C THR B 478 7.62 -8.96 -9.09
N THR B 479 7.97 -10.19 -9.49
CA THR B 479 9.34 -10.51 -9.85
C THR B 479 9.75 -9.70 -11.09
N LEU B 480 8.85 -9.64 -12.06
CA LEU B 480 9.08 -8.87 -13.28
C LEU B 480 9.39 -7.42 -12.96
N LEU B 481 8.59 -6.84 -12.06
CA LEU B 481 8.75 -5.45 -11.71
C LEU B 481 9.92 -5.21 -10.78
N LEU B 482 10.41 -6.26 -10.11
CA LEU B 482 11.65 -6.18 -9.34
C LEU B 482 12.89 -6.56 -10.14
N SER B 483 12.72 -7.05 -11.38
CA SER B 483 13.86 -7.53 -12.13
C SER B 483 14.92 -6.45 -12.37
N PRO B 484 14.52 -5.16 -12.45
CA PRO B 484 15.59 -4.13 -12.51
C PRO B 484 16.38 -3.98 -11.21
N ILE B 485 15.82 -4.44 -10.10
CA ILE B 485 16.47 -4.35 -8.79
C ILE B 485 17.31 -5.60 -8.52
N LEU B 486 16.75 -6.76 -8.88
CA LEU B 486 17.34 -8.05 -8.60
C LEU B 486 17.50 -8.80 -9.92
N PRO B 487 18.34 -8.28 -10.82
CA PRO B 487 18.43 -8.82 -12.16
C PRO B 487 18.92 -10.27 -12.26
N ARG B 488 19.83 -10.71 -11.39
CA ARG B 488 20.25 -12.12 -11.38
C ARG B 488 19.23 -13.04 -10.71
N LYS B 489 18.78 -12.66 -9.53
CA LYS B 489 17.82 -13.47 -8.77
C LYS B 489 16.47 -13.59 -9.47
N SER B 490 16.06 -12.58 -10.22
CA SER B 490 14.79 -12.67 -10.94
C SER B 490 14.84 -13.75 -12.02
N VAL B 491 16.00 -13.92 -12.66
CA VAL B 491 16.18 -14.99 -13.63
C VAL B 491 16.04 -16.35 -12.91
N VAL B 492 16.65 -16.47 -11.73
CA VAL B 492 16.51 -17.71 -10.97
C VAL B 492 15.02 -17.97 -10.68
N ILE B 493 14.31 -16.93 -10.25
CA ILE B 493 12.90 -17.07 -9.91
C ILE B 493 12.10 -17.49 -11.13
N PHE B 494 12.30 -16.81 -12.25
CA PHE B 494 11.56 -17.15 -13.47
C PHE B 494 11.88 -18.57 -13.91
N ASP B 495 13.15 -18.96 -13.84
CA ASP B 495 13.53 -20.35 -14.11
C ASP B 495 12.74 -21.33 -13.24
N MET B 496 12.62 -21.04 -11.94
CA MET B 496 11.89 -21.92 -11.02
C MET B 496 10.42 -22.03 -11.45
N LEU B 497 9.83 -20.89 -11.79
CA LEU B 497 8.42 -20.83 -12.21
C LEU B 497 8.19 -21.39 -13.61
N GLY B 498 9.26 -21.61 -14.36
CA GLY B 498 9.15 -22.08 -15.72
C GLY B 498 8.64 -21.01 -16.68
N VAL B 499 8.79 -19.73 -16.33
CA VAL B 499 8.34 -18.65 -17.19
C VAL B 499 9.16 -18.65 -18.47
N PRO B 500 8.51 -18.85 -19.63
CA PRO B 500 9.25 -18.77 -20.88
C PRO B 500 9.92 -17.42 -21.06
N GLU B 501 11.10 -17.43 -21.69
CA GLU B 501 11.89 -16.24 -21.96
C GLU B 501 11.10 -15.05 -22.47
N VAL B 502 10.21 -15.32 -23.42
CA VAL B 502 9.43 -14.30 -24.09
C VAL B 502 8.54 -13.51 -23.11
N HIS B 503 8.08 -14.16 -22.04
CA HIS B 503 7.22 -13.51 -21.03
C HIS B 503 7.99 -12.83 -19.88
N ARG B 504 9.31 -12.70 -20.01
CA ARG B 504 10.16 -12.12 -18.96
C ARG B 504 10.49 -10.65 -19.22
N LYS B 505 10.11 -10.14 -20.39
CA LYS B 505 10.20 -8.72 -20.69
C LYS B 505 8.99 -8.28 -21.53
N GLY B 506 8.75 -6.97 -21.57
CA GLY B 506 7.69 -6.38 -22.39
C GLY B 506 6.51 -5.91 -21.59
N ILE B 507 6.11 -4.65 -21.80
CA ILE B 507 4.93 -4.08 -21.13
C ILE B 507 3.71 -4.97 -21.21
N GLU B 508 3.52 -5.63 -22.35
CA GLU B 508 2.42 -6.55 -22.54
C GLU B 508 2.40 -7.69 -21.51
N ASN B 509 3.57 -8.07 -21.00
CA ASN B 509 3.66 -9.09 -19.95
C ASN B 509 3.51 -8.62 -18.50
N PHE B 510 3.34 -7.33 -18.32
CA PHE B 510 3.00 -6.76 -17.03
C PHE B 510 1.57 -7.18 -16.66
N GLU B 511 0.76 -7.51 -17.66
CA GLU B 511 -0.62 -7.89 -17.44
C GLU B 511 -0.80 -9.24 -16.75
N PHE B 512 -1.71 -9.27 -15.79
CA PHE B 512 -2.15 -10.50 -15.13
C PHE B 512 -2.62 -11.52 -16.15
N GLY B 513 -2.15 -12.75 -16.00
CA GLY B 513 -2.61 -13.85 -16.83
C GLY B 513 -1.82 -14.07 -18.12
N ALA B 514 -0.61 -13.52 -18.19
CA ALA B 514 0.19 -13.64 -19.40
C ALA B 514 0.80 -15.03 -19.61
N VAL B 515 0.79 -15.87 -18.58
CA VAL B 515 1.40 -17.19 -18.67
C VAL B 515 0.32 -18.22 -18.52
N PRO B 516 0.05 -19.00 -19.57
CA PRO B 516 -1.09 -19.88 -19.62
C PRO B 516 -1.02 -21.08 -18.68
N PRO B 517 -2.16 -21.48 -18.10
CA PRO B 517 -2.16 -22.73 -17.36
C PRO B 517 -1.58 -23.87 -18.21
N GLY B 518 -0.89 -24.81 -17.58
CA GLY B 518 -0.24 -25.91 -18.28
C GLY B 518 1.26 -25.72 -18.40
N THR B 519 1.73 -24.49 -18.27
CA THR B 519 3.15 -24.24 -18.22
C THR B 519 3.79 -25.10 -17.15
N ARG B 520 4.87 -25.80 -17.52
CA ARG B 520 5.62 -26.64 -16.58
C ARG B 520 6.65 -25.81 -15.85
N LEU B 521 6.71 -25.98 -14.52
CA LEU B 521 7.75 -25.38 -13.69
C LEU B 521 9.14 -25.81 -14.12
N GLY B 522 10.14 -25.08 -13.64
CA GLY B 522 11.53 -25.46 -13.82
C GLY B 522 11.89 -26.66 -12.96
N PRO B 523 12.99 -27.35 -13.30
CA PRO B 523 13.40 -28.50 -12.50
C PRO B 523 13.93 -28.04 -11.14
N ALA B 524 13.75 -28.87 -10.12
CA ALA B 524 14.15 -28.50 -8.75
C ALA B 524 15.51 -29.08 -8.40
N VAL B 525 16.32 -28.28 -7.69
CA VAL B 525 17.59 -28.73 -7.14
C VAL B 525 17.40 -29.01 -5.63
N GLU B 526 17.84 -30.17 -5.17
CA GLU B 526 17.54 -30.66 -3.81
C GLU B 526 17.79 -29.62 -2.72
N GLY B 527 19.03 -29.20 -2.55
CA GLY B 527 19.37 -28.13 -1.61
C GLY B 527 19.43 -26.82 -2.35
N GLU B 528 18.35 -26.06 -2.33
CA GLU B 528 18.27 -24.82 -3.09
C GLU B 528 17.46 -23.76 -2.35
N VAL B 529 18.08 -22.61 -2.11
CA VAL B 529 17.36 -21.46 -1.60
C VAL B 529 17.74 -20.23 -2.38
N LEU B 530 16.80 -19.31 -2.47
CA LEU B 530 16.93 -18.15 -3.32
C LEU B 530 17.81 -17.12 -2.62
N PHE B 531 17.53 -16.93 -1.33
CA PHE B 531 18.35 -16.11 -0.47
C PHE B 531 18.58 -16.88 0.81
N SER B 532 19.83 -16.95 1.25
CA SER B 532 20.15 -17.64 2.49
C SER B 532 20.18 -16.64 3.63
N LYS B 533 19.55 -16.99 4.75
CA LYS B 533 19.49 -16.13 5.92
C LYS B 533 20.83 -16.13 6.64
N ARG B 534 21.16 -15.00 7.28
CA ARG B 534 22.42 -14.81 8.00
C ARG B 534 22.11 -14.54 9.47
N SER B 535 23.03 -14.89 10.37
CA SER B 535 22.74 -14.92 11.81
C SER B 535 22.83 -13.55 12.50
N THR B 536 22.50 -13.52 13.79
CA THR B 536 22.40 -12.29 14.59
C THR B 536 21.50 -11.26 13.91
#